data_3VPR
#
_entry.id   3VPR
#
_cell.length_a   49.681
_cell.length_b   57.584
_cell.length_c   133.447
_cell.angle_alpha   90.00
_cell.angle_beta   94.01
_cell.angle_gamma   90.00
#
_symmetry.space_group_name_H-M   'P 1 21 1'
#
loop_
_entity.id
_entity.type
_entity.pdbx_description
1 polymer 'Transcriptional regulator, TetR family'
2 water water
#
_entity_poly.entity_id   1
_entity_poly.type   'polypeptide(L)'
_entity_poly.pdbx_seq_one_letter_code
;VTTTRDRILEEAAKLFTEKGYEATSVQDLAQALGLSKAALYHHFGSKEEILYEISLLALKGLVAAGEKALEVADPKEALR
RF(MSE)EAHARYFEENYPFFVT(MSE)LQGIKSLSPENRLKTIALRDRHEENLRAILRRGVEQGVFREVDVALAGRAVL
S(MSE)LNW(MSE)IRWFRPDGP(MSE)RAEEVARAYHDLILRGLERGSA
;
_entity_poly.pdbx_strand_id   A,B,C,D
#
# COMPACT_ATOMS: atom_id res chain seq x y z
N VAL A 1 27.51 -20.47 -26.42
CA VAL A 1 26.75 -21.73 -26.15
C VAL A 1 26.10 -21.66 -24.76
N THR A 2 24.85 -22.11 -24.67
CA THR A 2 24.12 -22.09 -23.42
C THR A 2 23.78 -23.52 -23.00
N THR A 3 24.51 -24.06 -22.03
CA THR A 3 24.25 -25.42 -21.57
C THR A 3 23.26 -25.39 -20.39
N THR A 4 22.87 -26.57 -19.92
CA THR A 4 21.95 -26.69 -18.80
C THR A 4 22.51 -25.97 -17.58
N ARG A 5 23.84 -26.00 -17.44
CA ARG A 5 24.48 -25.34 -16.32
C ARG A 5 24.30 -23.84 -16.43
N ASP A 6 24.54 -23.28 -17.61
CA ASP A 6 24.38 -21.83 -17.84
C ASP A 6 22.94 -21.33 -17.70
N ARG A 7 21.99 -22.11 -18.22
CA ARG A 7 20.58 -21.76 -18.16
C ARG A 7 20.13 -21.69 -16.71
N ILE A 8 20.64 -22.61 -15.90
CA ILE A 8 20.30 -22.61 -14.50
C ILE A 8 20.76 -21.30 -13.86
N LEU A 9 21.95 -20.81 -14.21
CA LEU A 9 22.45 -19.57 -13.57
C LEU A 9 21.72 -18.32 -14.03
N GLU A 10 21.48 -18.19 -15.33
CA GLU A 10 20.77 -17.04 -15.85
C GLU A 10 19.31 -17.01 -15.36
N GLU A 11 18.67 -18.17 -15.37
CA GLU A 11 17.29 -18.28 -14.93
C GLU A 11 17.15 -18.05 -13.43
N ALA A 12 18.12 -18.54 -12.67
CA ALA A 12 18.11 -18.35 -11.23
C ALA A 12 18.28 -16.85 -10.98
N ALA A 13 19.24 -16.24 -11.66
CA ALA A 13 19.46 -14.82 -11.50
C ALA A 13 18.17 -14.02 -11.74
N LYS A 14 17.42 -14.37 -12.78
CA LYS A 14 16.17 -13.66 -13.05
C LYS A 14 15.14 -13.92 -11.96
N LEU A 15 15.04 -15.16 -11.51
CA LEU A 15 14.07 -15.50 -10.48
C LEU A 15 14.39 -14.79 -9.17
N PHE A 16 15.67 -14.72 -8.82
CA PHE A 16 16.08 -14.04 -7.60
C PHE A 16 15.76 -12.56 -7.72
N THR A 17 15.91 -12.01 -8.92
CA THR A 17 15.62 -10.59 -9.14
C THR A 17 14.11 -10.34 -9.00
N GLU A 18 13.30 -11.31 -9.44
CA GLU A 18 11.84 -11.20 -9.39
C GLU A 18 11.25 -11.51 -8.01
N LYS A 19 11.81 -12.50 -7.32
CA LYS A 19 11.31 -12.92 -6.01
C LYS A 19 12.20 -12.58 -4.81
N GLY A 20 13.48 -12.33 -5.05
CA GLY A 20 14.38 -12.04 -3.95
C GLY A 20 15.12 -13.34 -3.64
N TYR A 21 16.41 -13.26 -3.32
CA TYR A 21 17.20 -14.47 -3.06
C TYR A 21 16.69 -15.32 -1.91
N GLU A 22 16.47 -14.65 -0.77
CA GLU A 22 16.00 -15.33 0.42
C GLU A 22 14.64 -16.01 0.26
N ALA A 23 13.72 -15.36 -0.42
CA ALA A 23 12.37 -15.92 -0.60
C ALA A 23 12.27 -16.95 -1.71
N THR A 24 13.38 -17.31 -2.33
CA THR A 24 13.36 -18.32 -3.40
C THR A 24 13.99 -19.62 -2.90
N SER A 25 13.21 -20.69 -2.92
CA SER A 25 13.69 -21.99 -2.45
C SER A 25 14.33 -22.79 -3.57
N VAL A 26 15.11 -23.80 -3.20
CA VAL A 26 15.72 -24.67 -4.19
C VAL A 26 14.57 -25.32 -4.95
N GLN A 27 13.49 -25.59 -4.22
CA GLN A 27 12.29 -26.19 -4.81
C GLN A 27 11.73 -25.28 -5.90
N ASP A 28 11.67 -23.98 -5.60
CA ASP A 28 11.19 -22.99 -6.55
C ASP A 28 11.99 -22.98 -7.85
N LEU A 29 13.31 -22.98 -7.72
CA LEU A 29 14.20 -22.97 -8.88
C LEU A 29 14.03 -24.23 -9.71
N ALA A 30 13.95 -25.38 -9.04
CA ALA A 30 13.83 -26.65 -9.73
C ALA A 30 12.60 -26.70 -10.61
N GLN A 31 11.47 -26.22 -10.08
CA GLN A 31 10.22 -26.23 -10.83
C GLN A 31 10.21 -25.17 -11.92
N ALA A 32 10.77 -24.00 -11.62
CA ALA A 32 10.84 -22.93 -12.60
C ALA A 32 11.71 -23.36 -13.78
N LEU A 33 12.75 -24.13 -13.51
CA LEU A 33 13.66 -24.61 -14.55
C LEU A 33 13.28 -25.96 -15.15
N GLY A 34 12.28 -26.61 -14.59
CA GLY A 34 11.87 -27.91 -15.12
C GLY A 34 12.85 -29.04 -14.80
N LEU A 35 13.52 -28.92 -13.67
CA LEU A 35 14.48 -29.93 -13.26
C LEU A 35 14.15 -30.38 -11.85
N SER A 36 14.64 -31.55 -11.49
CA SER A 36 14.43 -32.05 -10.13
C SER A 36 15.45 -31.32 -9.25
N LYS A 37 15.19 -31.28 -7.95
CA LYS A 37 16.08 -30.63 -7.01
C LYS A 37 17.43 -31.35 -7.07
N ALA A 38 17.39 -32.64 -7.38
CA ALA A 38 18.61 -33.44 -7.46
C ALA A 38 19.52 -32.92 -8.56
N ALA A 39 18.92 -32.58 -9.70
CA ALA A 39 19.67 -32.06 -10.83
C ALA A 39 20.38 -30.75 -10.46
N LEU A 40 19.69 -29.92 -9.68
CA LEU A 40 20.25 -28.64 -9.24
C LEU A 40 21.43 -28.86 -8.29
N TYR A 41 21.23 -29.74 -7.31
CA TYR A 41 22.29 -30.02 -6.36
C TYR A 41 23.51 -30.64 -7.04
N HIS A 42 23.27 -31.48 -8.05
CA HIS A 42 24.35 -32.14 -8.78
C HIS A 42 25.26 -31.14 -9.50
N HIS A 43 24.67 -30.08 -10.03
CA HIS A 43 25.41 -29.07 -10.77
C HIS A 43 26.04 -27.99 -9.91
N PHE A 44 25.46 -27.75 -8.74
CA PHE A 44 25.94 -26.69 -7.86
C PHE A 44 26.17 -27.05 -6.39
N GLY A 45 25.65 -28.17 -5.93
CA GLY A 45 25.86 -28.57 -4.55
C GLY A 45 24.99 -27.83 -3.54
N SER A 46 24.71 -26.55 -3.77
CA SER A 46 23.89 -25.79 -2.84
C SER A 46 23.36 -24.53 -3.50
N LYS A 47 22.37 -23.95 -2.84
CA LYS A 47 21.75 -22.72 -3.30
C LYS A 47 22.76 -21.60 -3.21
N GLU A 48 23.55 -21.62 -2.15
CA GLU A 48 24.57 -20.60 -1.90
C GLU A 48 25.62 -20.59 -3.01
N GLU A 49 25.95 -21.77 -3.53
CA GLU A 49 26.93 -21.87 -4.61
C GLU A 49 26.37 -21.24 -5.88
N ILE A 50 25.06 -21.30 -6.07
CA ILE A 50 24.41 -20.71 -7.25
C ILE A 50 24.52 -19.19 -7.15
N LEU A 51 24.21 -18.67 -5.98
CA LEU A 51 24.31 -17.23 -5.71
C LEU A 51 25.77 -16.81 -5.88
N TYR A 52 26.67 -17.65 -5.39
CA TYR A 52 28.10 -17.36 -5.49
C TYR A 52 28.55 -17.27 -6.96
N GLU A 53 28.18 -18.25 -7.77
CA GLU A 53 28.58 -18.25 -9.18
C GLU A 53 27.94 -17.11 -9.99
N ILE A 54 26.71 -16.74 -9.64
CA ILE A 54 26.08 -15.62 -10.30
C ILE A 54 26.90 -14.36 -9.98
N SER A 55 27.26 -14.19 -8.71
CA SER A 55 28.05 -13.03 -8.29
C SER A 55 29.40 -12.99 -9.02
N LEU A 56 30.08 -14.12 -9.03
CA LEU A 56 31.37 -14.25 -9.71
C LEU A 56 31.23 -13.83 -11.18
N LEU A 57 30.26 -14.44 -11.89
CA LEU A 57 30.02 -14.12 -13.30
C LEU A 57 29.85 -12.61 -13.53
N ALA A 58 29.10 -11.96 -12.66
CA ALA A 58 28.90 -10.53 -12.80
C ALA A 58 30.18 -9.75 -12.50
N LEU A 59 30.85 -10.09 -11.40
CA LEU A 59 32.08 -9.40 -10.99
C LEU A 59 33.28 -9.65 -11.89
N LYS A 60 33.42 -10.87 -12.40
CA LYS A 60 34.55 -11.18 -13.29
C LYS A 60 34.36 -10.43 -14.60
N GLY A 61 33.13 -10.40 -15.09
CA GLY A 61 32.86 -9.69 -16.33
C GLY A 61 33.12 -8.21 -16.12
N LEU A 62 32.77 -7.71 -14.94
CA LEU A 62 32.97 -6.29 -14.65
C LEU A 62 34.46 -5.98 -14.57
N VAL A 63 35.20 -6.78 -13.81
CA VAL A 63 36.63 -6.59 -13.67
C VAL A 63 37.33 -6.58 -15.03
N ALA A 64 36.95 -7.50 -15.89
CA ALA A 64 37.57 -7.55 -17.21
C ALA A 64 37.29 -6.24 -17.93
N ALA A 65 36.05 -5.76 -17.80
CA ALA A 65 35.63 -4.52 -18.44
C ALA A 65 36.54 -3.35 -18.09
N GLY A 66 36.93 -3.24 -16.83
CA GLY A 66 37.79 -2.17 -16.39
C GLY A 66 39.26 -2.36 -16.75
N GLU A 67 39.66 -3.59 -17.03
CA GLU A 67 41.06 -3.84 -17.38
C GLU A 67 41.32 -3.31 -18.79
N LYS A 68 40.29 -3.28 -19.62
CA LYS A 68 40.47 -2.79 -20.97
C LYS A 68 40.93 -1.32 -20.88
N ALA A 69 40.31 -0.59 -19.97
CA ALA A 69 40.60 0.84 -19.79
C ALA A 69 42.02 1.14 -19.35
N LEU A 70 42.62 0.24 -18.58
CA LEU A 70 43.98 0.43 -18.11
C LEU A 70 44.96 0.54 -19.28
N GLU A 71 44.56 -0.03 -20.41
CA GLU A 71 45.40 -0.02 -21.62
C GLU A 71 45.31 1.24 -22.45
N VAL A 72 44.42 2.16 -22.08
CA VAL A 72 44.28 3.41 -22.82
C VAL A 72 45.28 4.43 -22.31
N ALA A 73 46.16 4.90 -23.19
CA ALA A 73 47.19 5.87 -22.85
C ALA A 73 46.63 7.12 -22.17
N ASP A 74 45.81 7.88 -22.88
CA ASP A 74 45.21 9.10 -22.33
C ASP A 74 44.31 8.83 -21.12
N PRO A 75 44.76 9.22 -19.92
CA PRO A 75 44.01 9.04 -18.66
C PRO A 75 42.55 9.48 -18.72
N LYS A 76 42.27 10.54 -19.48
CA LYS A 76 40.90 11.04 -19.60
C LYS A 76 40.03 10.06 -20.37
N GLU A 77 40.60 9.51 -21.43
CA GLU A 77 39.90 8.56 -22.29
C GLU A 77 39.81 7.20 -21.59
N ALA A 78 40.82 6.89 -20.77
CA ALA A 78 40.84 5.64 -20.04
C ALA A 78 39.73 5.64 -18.99
N LEU A 79 39.50 6.81 -18.38
CA LEU A 79 38.45 6.92 -17.37
C LEU A 79 37.09 6.77 -18.02
N ARG A 80 36.92 7.38 -19.20
CA ARG A 80 35.63 7.31 -19.89
C ARG A 80 35.28 5.89 -20.31
N ARG A 81 36.27 5.18 -20.84
CA ARG A 81 36.04 3.81 -21.28
C ARG A 81 35.71 2.95 -20.07
N PHE A 82 36.43 3.15 -18.98
CA PHE A 82 36.14 2.36 -17.79
C PHE A 82 34.68 2.57 -17.38
N MSE A 83 34.25 3.82 -17.27
CA MSE A 83 32.88 4.11 -16.85
C MSE A 83 31.82 3.56 -17.80
O MSE A 83 30.81 3.00 -17.35
CB MSE A 83 32.72 5.62 -16.66
CG MSE A 83 33.59 6.18 -15.55
SE MSE A 83 33.54 8.13 -15.39
CE MSE A 83 31.73 8.30 -14.62
N GLU A 84 32.04 3.71 -19.10
CA GLU A 84 31.09 3.21 -20.09
C GLU A 84 31.03 1.68 -20.16
N ALA A 85 32.19 1.04 -20.11
CA ALA A 85 32.24 -0.42 -20.16
C ALA A 85 31.52 -0.95 -18.91
N HIS A 86 31.74 -0.31 -17.76
CA HIS A 86 31.10 -0.73 -16.52
C HIS A 86 29.59 -0.67 -16.65
N ALA A 87 29.08 0.48 -17.09
CA ALA A 87 27.65 0.71 -17.27
C ALA A 87 27.01 -0.19 -18.33
N ARG A 88 27.76 -0.43 -19.42
CA ARG A 88 27.23 -1.29 -20.47
C ARG A 88 27.11 -2.72 -19.95
N TYR A 89 28.16 -3.20 -19.31
CA TYR A 89 28.14 -4.55 -18.78
C TYR A 89 27.01 -4.68 -17.77
N PHE A 90 26.88 -3.69 -16.89
CA PHE A 90 25.83 -3.71 -15.88
C PHE A 90 24.46 -3.90 -16.53
N GLU A 91 24.18 -3.12 -17.57
CA GLU A 91 22.89 -3.19 -18.25
C GLU A 91 22.61 -4.49 -19.02
N GLU A 92 23.65 -5.08 -19.60
CA GLU A 92 23.47 -6.31 -20.37
C GLU A 92 23.28 -7.51 -19.44
N ASN A 93 23.80 -7.40 -18.22
CA ASN A 93 23.71 -8.49 -17.25
C ASN A 93 22.97 -8.01 -16.00
N TYR A 94 21.96 -7.17 -16.21
CA TYR A 94 21.17 -6.58 -15.13
C TYR A 94 20.74 -7.54 -14.03
N PRO A 95 20.06 -8.65 -14.38
CA PRO A 95 19.65 -9.58 -13.33
C PRO A 95 20.76 -10.15 -12.44
N PHE A 96 21.96 -10.32 -12.99
CA PHE A 96 23.08 -10.84 -12.21
C PHE A 96 23.50 -9.82 -11.15
N PHE A 97 23.42 -8.54 -11.49
CA PHE A 97 23.80 -7.47 -10.58
C PHE A 97 22.79 -7.30 -9.47
N VAL A 98 21.50 -7.40 -9.82
CA VAL A 98 20.46 -7.28 -8.81
C VAL A 98 20.61 -8.43 -7.82
N THR A 99 21.02 -9.59 -8.34
CA THR A 99 21.18 -10.75 -7.48
C THR A 99 22.38 -10.59 -6.55
N MSE A 100 23.51 -10.22 -7.12
CA MSE A 100 24.75 -10.03 -6.36
C MSE A 100 24.66 -9.01 -5.22
O MSE A 100 25.09 -9.27 -4.10
CB MSE A 100 25.88 -9.62 -7.29
CG MSE A 100 27.09 -9.13 -6.52
SE MSE A 100 28.09 -7.81 -7.45
CE MSE A 100 26.84 -6.34 -7.31
N LEU A 101 24.14 -7.82 -5.53
CA LEU A 101 24.03 -6.75 -4.55
C LEU A 101 23.30 -7.17 -3.27
N GLN A 102 22.09 -7.69 -3.43
CA GLN A 102 21.28 -8.10 -2.29
C GLN A 102 21.83 -9.32 -1.56
N GLY A 103 22.37 -10.27 -2.30
CA GLY A 103 22.86 -11.50 -1.71
C GLY A 103 24.13 -11.50 -0.86
N ILE A 104 24.92 -10.44 -0.93
CA ILE A 104 26.18 -10.37 -0.19
C ILE A 104 26.22 -11.05 1.19
N LYS A 105 25.30 -10.68 2.08
CA LYS A 105 25.29 -11.27 3.41
C LYS A 105 25.01 -12.77 3.43
N SER A 106 24.48 -13.29 2.33
CA SER A 106 24.13 -14.70 2.25
C SER A 106 25.27 -15.64 1.88
N LEU A 107 26.33 -15.11 1.29
CA LEU A 107 27.47 -15.96 0.91
C LEU A 107 28.23 -16.49 2.12
N SER A 108 28.93 -17.60 1.94
CA SER A 108 29.75 -18.15 3.00
C SER A 108 30.96 -17.23 3.04
N PRO A 109 31.65 -17.13 4.19
CA PRO A 109 32.82 -16.25 4.29
C PRO A 109 33.84 -16.38 3.16
N GLU A 110 34.26 -17.59 2.83
CA GLU A 110 35.24 -17.73 1.76
C GLU A 110 34.71 -17.29 0.40
N ASN A 111 33.41 -17.51 0.15
CA ASN A 111 32.86 -17.09 -1.14
C ASN A 111 32.81 -15.57 -1.16
N ARG A 112 32.36 -14.99 -0.05
CA ARG A 112 32.26 -13.53 0.04
C ARG A 112 33.64 -12.95 -0.20
N LEU A 113 34.66 -13.71 0.18
CA LEU A 113 36.05 -13.30 0.06
C LEU A 113 36.50 -13.15 -1.37
N LYS A 114 36.29 -14.17 -2.19
CA LYS A 114 36.71 -14.09 -3.58
C LYS A 114 35.88 -13.06 -4.32
N THR A 115 34.67 -12.83 -3.84
CA THR A 115 33.77 -11.87 -4.45
C THR A 115 34.19 -10.43 -4.15
N ILE A 116 34.41 -10.13 -2.87
CA ILE A 116 34.82 -8.79 -2.46
C ILE A 116 36.19 -8.49 -3.04
N ALA A 117 37.02 -9.52 -3.15
CA ALA A 117 38.35 -9.35 -3.72
C ALA A 117 38.24 -8.90 -5.18
N LEU A 118 37.18 -9.34 -5.86
CA LEU A 118 36.97 -8.92 -7.26
C LEU A 118 36.45 -7.47 -7.30
N ARG A 119 35.59 -7.14 -6.34
CA ARG A 119 35.08 -5.77 -6.25
C ARG A 119 36.26 -4.84 -5.92
N ASP A 120 37.07 -5.21 -4.92
CA ASP A 120 38.22 -4.40 -4.55
C ASP A 120 39.17 -4.23 -5.74
N ARG A 121 39.37 -5.31 -6.50
CA ARG A 121 40.27 -5.28 -7.67
C ARG A 121 39.79 -4.26 -8.69
N HIS A 122 38.47 -4.21 -8.88
CA HIS A 122 37.87 -3.27 -9.82
C HIS A 122 38.12 -1.83 -9.36
N GLU A 123 37.94 -1.59 -8.05
CA GLU A 123 38.13 -0.26 -7.47
C GLU A 123 39.60 0.14 -7.58
N GLU A 124 40.48 -0.84 -7.43
CA GLU A 124 41.92 -0.59 -7.53
C GLU A 124 42.35 -0.25 -8.96
N ASN A 125 41.68 -0.85 -9.96
CA ASN A 125 42.03 -0.54 -11.35
C ASN A 125 41.59 0.90 -11.66
N LEU A 126 40.48 1.34 -11.07
CA LEU A 126 40.00 2.68 -11.31
C LEU A 126 40.98 3.66 -10.68
N ARG A 127 41.41 3.35 -9.47
CA ARG A 127 42.36 4.17 -8.75
C ARG A 127 43.65 4.32 -9.55
N ALA A 128 44.09 3.23 -10.16
CA ALA A 128 45.31 3.26 -10.96
C ALA A 128 45.16 4.24 -12.12
N ILE A 129 43.98 4.26 -12.75
CA ILE A 129 43.75 5.19 -13.86
C ILE A 129 43.78 6.64 -13.35
N LEU A 130 43.11 6.89 -12.24
CA LEU A 130 43.07 8.23 -11.65
C LEU A 130 44.45 8.66 -11.19
N ARG A 131 45.16 7.75 -10.50
CA ARG A 131 46.49 8.07 -10.01
C ARG A 131 47.45 8.43 -11.15
N ARG A 132 47.35 7.71 -12.27
CA ARG A 132 48.21 8.01 -13.41
C ARG A 132 47.88 9.41 -13.91
N GLY A 133 46.59 9.74 -13.91
CA GLY A 133 46.16 11.05 -14.36
C GLY A 133 46.77 12.15 -13.51
N VAL A 134 46.79 11.94 -12.20
CA VAL A 134 47.36 12.92 -11.29
C VAL A 134 48.89 12.98 -11.49
N GLU A 135 49.50 11.81 -11.65
CA GLU A 135 50.95 11.75 -11.84
C GLU A 135 51.40 12.42 -13.14
N GLN A 136 50.70 12.15 -14.23
CA GLN A 136 51.05 12.75 -15.51
C GLN A 136 50.61 14.21 -15.55
N GLY A 137 50.04 14.69 -14.45
CA GLY A 137 49.58 16.07 -14.42
C GLY A 137 48.35 16.33 -15.27
N VAL A 138 47.68 15.27 -15.74
CA VAL A 138 46.49 15.41 -16.56
C VAL A 138 45.27 15.75 -15.70
N PHE A 139 45.26 15.22 -14.48
CA PHE A 139 44.19 15.50 -13.54
C PHE A 139 44.86 16.30 -12.42
N ARG A 140 44.09 17.15 -11.75
CA ARG A 140 44.65 17.92 -10.66
C ARG A 140 44.85 16.99 -9.46
N GLU A 141 45.48 17.50 -8.40
CA GLU A 141 45.73 16.71 -7.20
C GLU A 141 44.43 16.45 -6.46
N VAL A 142 43.98 15.21 -6.46
CA VAL A 142 42.74 14.87 -5.78
C VAL A 142 42.94 13.58 -4.99
N ASP A 143 42.13 13.39 -3.96
CA ASP A 143 42.24 12.15 -3.18
C ASP A 143 41.79 11.06 -4.13
N VAL A 144 42.72 10.19 -4.51
CA VAL A 144 42.44 9.09 -5.44
C VAL A 144 41.36 8.10 -4.96
N ALA A 145 41.41 7.74 -3.67
CA ALA A 145 40.43 6.80 -3.14
C ALA A 145 39.05 7.44 -3.19
N LEU A 146 38.98 8.71 -2.81
CA LEU A 146 37.71 9.44 -2.79
C LEU A 146 37.16 9.64 -4.21
N ALA A 147 38.02 10.02 -5.14
CA ALA A 147 37.58 10.23 -6.51
C ALA A 147 37.09 8.90 -7.08
N GLY A 148 37.80 7.83 -6.75
CA GLY A 148 37.40 6.52 -7.24
C GLY A 148 36.06 6.10 -6.65
N ARG A 149 35.85 6.46 -5.39
CA ARG A 149 34.61 6.12 -4.72
C ARG A 149 33.46 6.96 -5.32
N ALA A 150 33.77 8.19 -5.70
CA ALA A 150 32.76 9.07 -6.27
C ALA A 150 32.25 8.45 -7.58
N VAL A 151 33.18 8.04 -8.43
CA VAL A 151 32.83 7.44 -9.71
C VAL A 151 32.05 6.12 -9.54
N LEU A 152 32.55 5.21 -8.71
CA LEU A 152 31.88 3.93 -8.50
C LEU A 152 30.47 4.18 -7.95
N SER A 153 30.34 5.20 -7.10
CA SER A 153 29.03 5.52 -6.55
C SER A 153 28.08 5.89 -7.68
N MSE A 154 28.54 6.69 -8.63
CA MSE A 154 27.65 7.07 -9.73
C MSE A 154 27.24 5.84 -10.53
O MSE A 154 26.05 5.65 -10.83
CB MSE A 154 28.34 8.10 -10.64
CG MSE A 154 28.61 9.45 -9.99
SE MSE A 154 29.67 10.63 -11.11
CE MSE A 154 31.41 10.28 -10.42
N LEU A 155 28.21 5.00 -10.87
CA LEU A 155 27.94 3.80 -11.66
C LEU A 155 27.11 2.76 -10.89
N ASN A 156 27.52 2.40 -9.68
CA ASN A 156 26.78 1.39 -8.91
C ASN A 156 25.40 1.80 -8.42
N TRP A 157 25.24 3.07 -8.04
CA TRP A 157 23.92 3.52 -7.58
C TRP A 157 22.90 3.31 -8.70
N MSE A 158 23.34 3.24 -9.95
CA MSE A 158 22.44 3.02 -11.08
C MSE A 158 21.60 1.74 -10.88
O MSE A 158 20.48 1.63 -11.40
CB MSE A 158 23.22 2.89 -12.39
CG MSE A 158 23.64 4.22 -13.04
SE MSE A 158 24.57 3.95 -14.75
CE MSE A 158 23.04 3.54 -15.86
N ILE A 159 22.15 0.79 -10.14
CA ILE A 159 21.48 -0.48 -9.85
C ILE A 159 20.15 -0.25 -9.13
N ARG A 160 19.96 0.95 -8.59
CA ARG A 160 18.74 1.27 -7.87
C ARG A 160 17.73 2.13 -8.64
N TRP A 161 18.20 2.91 -9.60
CA TRP A 161 17.29 3.75 -10.35
C TRP A 161 17.21 3.50 -11.86
N PHE A 162 18.17 2.77 -12.42
CA PHE A 162 18.13 2.52 -13.85
C PHE A 162 17.05 1.53 -14.22
N ARG A 163 16.19 1.93 -15.15
CA ARG A 163 15.11 1.09 -15.60
C ARG A 163 15.46 0.40 -16.91
N PRO A 164 15.59 -0.94 -16.89
CA PRO A 164 15.91 -1.67 -18.12
C PRO A 164 14.76 -1.47 -19.09
N ASP A 165 13.61 -1.14 -18.50
CA ASP A 165 12.36 -0.88 -19.21
C ASP A 165 12.47 0.41 -20.04
N GLY A 166 12.90 1.49 -19.39
CA GLY A 166 13.03 2.76 -20.08
C GLY A 166 13.95 2.69 -21.28
N PRO A 167 13.98 3.74 -22.13
CA PRO A 167 14.84 3.78 -23.32
C PRO A 167 16.26 4.26 -23.05
N MSE A 168 16.44 5.06 -22.01
CA MSE A 168 17.75 5.59 -21.65
C MSE A 168 18.84 4.52 -21.67
O MSE A 168 18.66 3.41 -21.16
CB MSE A 168 17.71 6.25 -20.27
CG MSE A 168 17.07 7.63 -20.26
SE MSE A 168 15.18 7.63 -20.69
CE MSE A 168 14.53 8.66 -19.18
N ARG A 169 19.98 4.86 -22.27
CA ARG A 169 21.10 3.94 -22.38
C ARG A 169 22.06 4.13 -21.21
N ALA A 170 22.28 3.07 -20.43
CA ALA A 170 23.17 3.13 -19.27
C ALA A 170 24.54 3.69 -19.63
N GLU A 171 25.03 3.33 -20.81
CA GLU A 171 26.31 3.82 -21.26
C GLU A 171 26.31 5.31 -21.60
N GLU A 172 25.19 5.83 -22.10
CA GLU A 172 25.11 7.25 -22.42
C GLU A 172 25.07 8.04 -21.13
N VAL A 173 24.35 7.53 -20.15
CA VAL A 173 24.27 8.14 -18.83
C VAL A 173 25.70 8.19 -18.29
N ALA A 174 26.43 7.10 -18.47
CA ALA A 174 27.80 7.01 -17.99
C ALA A 174 28.68 8.05 -18.69
N ARG A 175 28.35 8.35 -19.94
CA ARG A 175 29.14 9.32 -20.69
C ARG A 175 28.90 10.73 -20.15
N ALA A 176 27.65 11.02 -19.79
CA ALA A 176 27.31 12.32 -19.22
C ALA A 176 27.97 12.45 -17.86
N TYR A 177 28.05 11.34 -17.11
CA TYR A 177 28.69 11.37 -15.80
C TYR A 177 30.18 11.64 -15.96
N HIS A 178 30.76 11.07 -17.02
CA HIS A 178 32.19 11.26 -17.26
C HIS A 178 32.50 12.72 -17.55
N ASP A 179 31.66 13.33 -18.39
CA ASP A 179 31.84 14.73 -18.73
C ASP A 179 31.73 15.56 -17.46
N LEU A 180 30.74 15.22 -16.63
CA LEU A 180 30.52 15.94 -15.38
C LEU A 180 31.68 15.83 -14.41
N ILE A 181 32.17 14.62 -14.18
CA ILE A 181 33.26 14.40 -13.24
C ILE A 181 34.59 14.92 -13.77
N LEU A 182 34.78 14.85 -15.08
CA LEU A 182 36.04 15.35 -15.65
C LEU A 182 36.15 16.87 -15.63
N ARG A 183 35.12 17.55 -16.12
CA ARG A 183 35.12 19.01 -16.21
C ARG A 183 34.56 19.77 -15.00
N GLY A 184 33.63 19.16 -14.27
CA GLY A 184 33.07 19.84 -13.11
C GLY A 184 31.82 20.64 -13.45
N LEU A 185 31.14 21.12 -12.41
CA LEU A 185 29.91 21.89 -12.61
C LEU A 185 30.18 23.36 -12.85
N GLU A 186 31.23 23.89 -12.23
CA GLU A 186 31.56 25.30 -12.36
C GLU A 186 31.78 25.72 -13.80
N ARG A 187 31.36 26.94 -14.12
CA ARG A 187 31.56 27.47 -15.46
C ARG A 187 32.97 28.05 -15.42
N GLY A 188 33.87 27.54 -16.26
CA GLY A 188 35.24 28.06 -16.23
C GLY A 188 35.94 28.36 -17.54
N SER A 189 35.73 27.53 -18.56
CA SER A 189 36.36 27.75 -19.86
C SER A 189 36.07 26.59 -20.78
N THR B 3 10.17 6.16 26.69
CA THR B 3 9.03 7.05 27.03
C THR B 3 8.42 7.67 25.77
N THR B 4 9.04 8.73 25.25
CA THR B 4 8.51 9.36 24.05
C THR B 4 8.61 8.42 22.85
N ARG B 5 7.65 8.53 21.94
CA ARG B 5 7.61 7.69 20.75
C ARG B 5 8.94 7.81 19.99
N ASP B 6 9.51 9.02 19.98
CA ASP B 6 10.79 9.25 19.31
C ASP B 6 11.93 8.35 19.80
N ARG B 7 12.07 8.23 21.12
CA ARG B 7 13.13 7.41 21.70
C ARG B 7 12.94 5.94 21.35
N ILE B 8 11.69 5.49 21.40
CA ILE B 8 11.38 4.11 21.06
C ILE B 8 11.80 3.82 19.61
N LEU B 9 11.46 4.73 18.70
CA LEU B 9 11.77 4.57 17.28
C LEU B 9 13.29 4.52 17.11
N GLU B 10 14.00 5.36 17.86
CA GLU B 10 15.46 5.38 17.80
C GLU B 10 16.05 4.05 18.26
N GLU B 11 15.53 3.52 19.36
CA GLU B 11 16.02 2.24 19.87
C GLU B 11 15.70 1.12 18.90
N ALA B 12 14.51 1.17 18.30
CA ALA B 12 14.10 0.14 17.35
C ALA B 12 15.05 0.17 16.15
N ALA B 13 15.36 1.37 15.68
CA ALA B 13 16.25 1.54 14.53
C ALA B 13 17.64 0.97 14.84
N LYS B 14 18.15 1.18 16.06
CA LYS B 14 19.46 0.63 16.38
C LYS B 14 19.39 -0.89 16.41
N LEU B 15 18.31 -1.43 16.98
CA LEU B 15 18.17 -2.87 17.04
C LEU B 15 18.13 -3.46 15.63
N PHE B 16 17.32 -2.86 14.76
CA PHE B 16 17.21 -3.33 13.38
C PHE B 16 18.58 -3.27 12.71
N THR B 17 19.34 -2.23 13.01
CA THR B 17 20.67 -2.09 12.41
C THR B 17 21.64 -3.21 12.86
N GLU B 18 21.59 -3.58 14.14
CA GLU B 18 22.47 -4.61 14.70
C GLU B 18 22.01 -6.04 14.43
N LYS B 19 20.71 -6.30 14.57
CA LYS B 19 20.16 -7.63 14.38
C LYS B 19 19.65 -7.89 12.95
N GLY B 20 19.20 -6.84 12.29
CA GLY B 20 18.65 -6.98 10.96
C GLY B 20 17.13 -6.90 11.12
N TYR B 21 16.46 -6.10 10.30
CA TYR B 21 15.01 -5.93 10.42
C TYR B 21 14.16 -7.20 10.32
N GLU B 22 14.53 -8.09 9.40
CA GLU B 22 13.78 -9.32 9.22
C GLU B 22 13.95 -10.29 10.37
N ALA B 23 15.17 -10.35 10.87
CA ALA B 23 15.49 -11.24 11.98
C ALA B 23 15.00 -10.71 13.33
N THR B 24 14.61 -9.44 13.39
CA THR B 24 14.13 -8.87 14.65
C THR B 24 12.65 -9.15 14.86
N SER B 25 12.33 -9.85 15.94
CA SER B 25 10.93 -10.20 16.25
C SER B 25 10.28 -9.11 17.11
N VAL B 26 8.94 -9.12 17.15
CA VAL B 26 8.18 -8.17 17.96
C VAL B 26 8.65 -8.36 19.40
N GLN B 27 8.83 -9.62 19.77
CA GLN B 27 9.29 -10.04 21.09
C GLN B 27 10.63 -9.35 21.40
N ASP B 28 11.54 -9.37 20.43
CA ASP B 28 12.85 -8.74 20.61
C ASP B 28 12.68 -7.24 20.89
N LEU B 29 11.90 -6.59 20.04
CA LEU B 29 11.62 -5.16 20.18
C LEU B 29 11.07 -4.81 21.56
N ALA B 30 10.10 -5.60 22.04
CA ALA B 30 9.50 -5.34 23.34
C ALA B 30 10.54 -5.44 24.45
N GLN B 31 11.31 -6.52 24.45
CA GLN B 31 12.33 -6.70 25.48
C GLN B 31 13.35 -5.57 25.47
N ALA B 32 13.93 -5.31 24.30
CA ALA B 32 14.94 -4.25 24.16
C ALA B 32 14.41 -2.86 24.52
N LEU B 33 13.12 -2.64 24.28
CA LEU B 33 12.51 -1.35 24.56
C LEU B 33 11.95 -1.25 25.98
N GLY B 34 11.96 -2.36 26.72
CA GLY B 34 11.43 -2.32 28.06
C GLY B 34 9.93 -2.22 28.06
N LEU B 35 9.30 -2.89 27.09
CA LEU B 35 7.85 -2.89 26.97
C LEU B 35 7.36 -4.32 26.88
N SER B 36 6.11 -4.54 27.27
CA SER B 36 5.52 -5.86 27.16
C SER B 36 5.08 -5.90 25.72
N LYS B 37 4.93 -7.09 25.15
CA LYS B 37 4.49 -7.22 23.78
C LYS B 37 3.13 -6.55 23.61
N ALA B 38 2.28 -6.71 24.62
CA ALA B 38 0.94 -6.12 24.58
C ALA B 38 1.02 -4.61 24.38
N ALA B 39 1.86 -3.95 25.17
CA ALA B 39 2.02 -2.51 25.06
C ALA B 39 2.56 -2.10 23.69
N LEU B 40 3.46 -2.90 23.13
CA LEU B 40 4.03 -2.56 21.82
C LEU B 40 2.98 -2.65 20.72
N TYR B 41 2.14 -3.70 20.77
CA TYR B 41 1.07 -3.90 19.80
C TYR B 41 0.01 -2.81 19.90
N HIS B 42 -0.31 -2.42 21.13
CA HIS B 42 -1.30 -1.37 21.35
C HIS B 42 -0.77 0.00 20.87
N HIS B 43 0.49 0.30 21.17
CA HIS B 43 1.08 1.58 20.78
C HIS B 43 1.70 1.68 19.37
N PHE B 44 1.95 0.54 18.74
CA PHE B 44 2.59 0.55 17.42
C PHE B 44 1.94 -0.37 16.38
N GLY B 45 1.05 -1.25 16.85
CA GLY B 45 0.37 -2.15 15.93
C GLY B 45 1.23 -3.25 15.28
N SER B 46 2.35 -2.87 14.67
CA SER B 46 3.18 -3.89 14.03
C SER B 46 4.60 -3.41 13.78
N LYS B 47 5.43 -4.31 13.25
CA LYS B 47 6.80 -3.97 12.95
C LYS B 47 6.80 -3.02 11.74
N GLU B 48 5.84 -3.19 10.84
CA GLU B 48 5.72 -2.33 9.65
C GLU B 48 5.46 -0.87 10.01
N GLU B 49 4.59 -0.64 10.99
CA GLU B 49 4.30 0.72 11.41
C GLU B 49 5.56 1.34 12.01
N ILE B 50 6.30 0.55 12.79
CA ILE B 50 7.54 1.07 13.39
C ILE B 50 8.52 1.41 12.25
N LEU B 51 8.62 0.51 11.26
CA LEU B 51 9.50 0.73 10.11
C LEU B 51 9.10 2.00 9.37
N TYR B 52 7.79 2.22 9.22
CA TYR B 52 7.32 3.41 8.52
C TYR B 52 7.67 4.70 9.20
N GLU B 53 7.47 4.76 10.51
CA GLU B 53 7.75 5.99 11.26
C GLU B 53 9.25 6.30 11.27
N ILE B 54 10.08 5.27 11.33
CA ILE B 54 11.53 5.47 11.28
C ILE B 54 11.90 6.06 9.93
N SER B 55 11.36 5.48 8.86
CA SER B 55 11.64 5.97 7.51
C SER B 55 11.15 7.40 7.33
N LEU B 56 9.99 7.70 7.94
CA LEU B 56 9.41 9.03 7.85
C LEU B 56 10.29 10.05 8.53
N LEU B 57 10.73 9.75 9.76
CA LEU B 57 11.59 10.68 10.48
C LEU B 57 12.86 10.93 9.70
N ALA B 58 13.43 9.85 9.18
CA ALA B 58 14.68 9.97 8.45
C ALA B 58 14.54 10.85 7.23
N LEU B 59 13.55 10.54 6.39
CA LEU B 59 13.35 11.27 5.15
C LEU B 59 12.86 12.69 5.33
N LYS B 60 12.00 12.93 6.32
CA LYS B 60 11.51 14.28 6.56
C LYS B 60 12.65 15.13 7.12
N GLY B 61 13.47 14.52 7.97
CA GLY B 61 14.60 15.24 8.54
C GLY B 61 15.59 15.55 7.43
N LEU B 62 15.79 14.61 6.51
CA LEU B 62 16.71 14.82 5.40
C LEU B 62 16.19 15.92 4.48
N VAL B 63 14.90 15.84 4.13
CA VAL B 63 14.30 16.85 3.26
C VAL B 63 14.45 18.25 3.90
N ALA B 64 14.23 18.34 5.21
CA ALA B 64 14.37 19.62 5.91
C ALA B 64 15.83 20.06 5.95
N ALA B 65 16.73 19.10 6.15
CA ALA B 65 18.16 19.42 6.19
C ALA B 65 18.60 20.04 4.86
N GLY B 66 18.08 19.51 3.75
CA GLY B 66 18.46 20.02 2.44
C GLY B 66 17.77 21.29 1.98
N GLU B 67 16.52 21.47 2.40
CA GLU B 67 15.71 22.62 2.03
C GLU B 67 16.28 23.89 2.65
N LYS B 68 17.07 23.72 3.70
CA LYS B 68 17.69 24.83 4.40
C LYS B 68 18.89 25.42 3.63
N ALA B 69 19.26 24.75 2.54
CA ALA B 69 20.38 25.21 1.72
C ALA B 69 19.84 25.79 0.42
N LEU B 70 18.61 25.43 0.11
CA LEU B 70 17.94 25.91 -1.09
C LEU B 70 17.89 27.44 -1.09
N GLU B 71 17.96 28.02 0.10
CA GLU B 71 17.89 29.47 0.24
C GLU B 71 19.18 30.25 0.01
N VAL B 72 20.32 29.64 0.33
CA VAL B 72 21.62 30.30 0.16
C VAL B 72 21.75 30.97 -1.21
N ALA B 73 22.09 32.27 -1.19
CA ALA B 73 22.23 33.05 -2.41
C ALA B 73 23.20 32.48 -3.41
N ASP B 74 24.44 32.27 -2.98
CA ASP B 74 25.46 31.73 -3.87
C ASP B 74 25.21 30.23 -4.16
N PRO B 75 24.83 29.91 -5.40
CA PRO B 75 24.55 28.51 -5.79
C PRO B 75 25.65 27.52 -5.39
N LYS B 76 26.92 27.93 -5.54
CA LYS B 76 28.02 27.05 -5.17
C LYS B 76 27.97 26.74 -3.67
N GLU B 77 27.69 27.76 -2.87
CA GLU B 77 27.62 27.59 -1.43
C GLU B 77 26.39 26.78 -1.06
N ALA B 78 25.30 27.01 -1.78
CA ALA B 78 24.05 26.28 -1.53
C ALA B 78 24.29 24.78 -1.77
N LEU B 79 24.94 24.44 -2.89
CA LEU B 79 25.23 23.05 -3.21
C LEU B 79 26.07 22.43 -2.11
N ARG B 80 27.10 23.15 -1.66
CA ARG B 80 27.96 22.62 -0.61
C ARG B 80 27.21 22.38 0.71
N ARG B 81 26.35 23.31 1.09
CA ARG B 81 25.61 23.16 2.35
C ARG B 81 24.62 22.01 2.22
N PHE B 82 24.04 21.86 1.04
CA PHE B 82 23.08 20.78 0.81
C PHE B 82 23.78 19.44 1.02
N MSE B 83 24.91 19.25 0.37
CA MSE B 83 25.66 18.02 0.48
C MSE B 83 26.14 17.74 1.89
O MSE B 83 26.05 16.61 2.36
CB MSE B 83 26.84 18.01 -0.49
CG MSE B 83 26.40 17.93 -1.94
SE MSE B 83 27.82 18.18 -3.27
CE MSE B 83 28.77 16.53 -3.00
N GLU B 84 26.64 18.78 2.55
CA GLU B 84 27.15 18.62 3.91
C GLU B 84 26.05 18.35 4.91
N ALA B 85 24.92 19.02 4.75
CA ALA B 85 23.80 18.82 5.66
C ALA B 85 23.30 17.38 5.50
N HIS B 86 23.17 16.95 4.25
CA HIS B 86 22.71 15.61 3.94
C HIS B 86 23.59 14.58 4.65
N ALA B 87 24.90 14.68 4.43
CA ALA B 87 25.86 13.74 5.04
C ALA B 87 25.86 13.80 6.56
N ARG B 88 25.78 14.99 7.12
CA ARG B 88 25.75 15.12 8.57
C ARG B 88 24.50 14.46 9.14
N TYR B 89 23.34 14.77 8.56
CA TYR B 89 22.10 14.20 9.03
C TYR B 89 22.17 12.69 8.91
N PHE B 90 22.74 12.22 7.81
CA PHE B 90 22.87 10.79 7.60
C PHE B 90 23.68 10.16 8.73
N GLU B 91 24.80 10.77 9.08
CA GLU B 91 25.64 10.22 10.13
C GLU B 91 25.00 10.28 11.52
N GLU B 92 24.38 11.41 11.85
CA GLU B 92 23.74 11.55 13.15
C GLU B 92 22.55 10.62 13.33
N ASN B 93 21.96 10.20 12.21
CA ASN B 93 20.80 9.32 12.28
C ASN B 93 21.06 8.03 11.50
N TYR B 94 22.31 7.60 11.51
CA TYR B 94 22.76 6.40 10.81
C TYR B 94 21.80 5.20 10.88
N PRO B 95 21.44 4.76 12.10
CA PRO B 95 20.54 3.61 12.19
C PRO B 95 19.20 3.75 11.47
N PHE B 96 18.63 4.96 11.45
CA PHE B 96 17.37 5.16 10.73
C PHE B 96 17.55 4.89 9.23
N PHE B 97 18.70 5.30 8.69
CA PHE B 97 18.95 5.10 7.28
C PHE B 97 19.20 3.63 6.95
N VAL B 98 19.91 2.91 7.81
CA VAL B 98 20.15 1.50 7.57
C VAL B 98 18.85 0.71 7.61
N THR B 99 18.01 1.00 8.61
CA THR B 99 16.73 0.33 8.75
C THR B 99 15.93 0.53 7.46
N MSE B 100 15.68 1.80 7.15
CA MSE B 100 14.93 2.21 5.98
C MSE B 100 15.35 1.48 4.70
O MSE B 100 14.56 1.37 3.76
CB MSE B 100 15.13 3.69 5.79
CG MSE B 100 14.08 4.36 4.97
SE MSE B 100 14.78 6.05 4.53
CE MSE B 100 15.31 5.64 2.72
N LEU B 101 16.58 1.00 4.67
CA LEU B 101 17.09 0.29 3.50
C LEU B 101 16.77 -1.20 3.58
N GLN B 102 16.59 -1.72 4.78
CA GLN B 102 16.29 -3.12 4.98
C GLN B 102 14.79 -3.42 4.98
N GLY B 103 13.95 -2.41 4.75
CA GLY B 103 12.52 -2.68 4.78
C GLY B 103 11.56 -2.00 3.81
N ILE B 104 12.07 -1.25 2.84
CA ILE B 104 11.22 -0.55 1.87
C ILE B 104 10.10 -1.43 1.30
N LYS B 105 10.45 -2.65 0.88
CA LYS B 105 9.46 -3.56 0.32
C LYS B 105 8.39 -4.01 1.31
N SER B 106 8.60 -3.75 2.60
CA SER B 106 7.65 -4.16 3.63
C SER B 106 6.63 -3.09 4.05
N LEU B 107 6.72 -1.88 3.49
CA LEU B 107 5.76 -0.82 3.83
C LEU B 107 4.47 -1.03 3.06
N SER B 108 3.37 -0.47 3.56
CA SER B 108 2.09 -0.58 2.87
C SER B 108 2.22 0.26 1.60
N PRO B 109 1.33 0.06 0.61
CA PRO B 109 1.42 0.84 -0.62
C PRO B 109 1.41 2.36 -0.48
N GLU B 110 0.50 2.88 0.34
CA GLU B 110 0.45 4.33 0.48
C GLU B 110 1.71 4.87 1.16
N ASN B 111 2.25 4.12 2.12
CA ASN B 111 3.44 4.59 2.79
C ASN B 111 4.66 4.55 1.84
N ARG B 112 4.68 3.59 0.91
CA ARG B 112 5.77 3.55 -0.06
C ARG B 112 5.69 4.79 -0.95
N LEU B 113 4.47 5.21 -1.31
CA LEU B 113 4.29 6.39 -2.15
C LEU B 113 4.80 7.63 -1.42
N LYS B 114 4.51 7.69 -0.12
CA LYS B 114 4.92 8.80 0.71
C LYS B 114 6.46 8.85 0.76
N THR B 115 7.07 7.69 0.87
CA THR B 115 8.52 7.55 0.91
C THR B 115 9.14 8.00 -0.41
N ILE B 116 8.50 7.66 -1.52
CA ILE B 116 9.01 8.09 -2.82
C ILE B 116 8.83 9.60 -2.96
N ALA B 117 7.70 10.12 -2.48
CA ALA B 117 7.44 11.56 -2.62
C ALA B 117 8.51 12.37 -1.91
N LEU B 118 8.88 11.93 -0.70
CA LEU B 118 9.89 12.59 0.09
C LEU B 118 11.26 12.52 -0.60
N ARG B 119 11.65 11.35 -1.09
CA ARG B 119 12.92 11.26 -1.82
C ARG B 119 12.88 12.18 -3.05
N ASP B 120 11.74 12.20 -3.76
CA ASP B 120 11.61 13.06 -4.94
C ASP B 120 11.76 14.53 -4.56
N ARG B 121 11.19 14.90 -3.42
CA ARG B 121 11.26 16.27 -2.94
C ARG B 121 12.70 16.69 -2.67
N HIS B 122 13.47 15.82 -2.03
CA HIS B 122 14.86 16.11 -1.72
C HIS B 122 15.61 16.32 -3.03
N GLU B 123 15.38 15.45 -4.01
CA GLU B 123 16.04 15.55 -5.30
C GLU B 123 15.62 16.81 -6.02
N GLU B 124 14.35 17.19 -5.87
CA GLU B 124 13.83 18.41 -6.51
C GLU B 124 14.54 19.64 -5.93
N ASN B 125 14.72 19.66 -4.62
CA ASN B 125 15.41 20.77 -4.00
C ASN B 125 16.84 20.89 -4.55
N LEU B 126 17.52 19.77 -4.72
CA LEU B 126 18.90 19.79 -5.24
C LEU B 126 18.88 20.34 -6.67
N ARG B 127 17.92 19.90 -7.46
CA ARG B 127 17.77 20.35 -8.85
C ARG B 127 17.55 21.85 -8.91
N ALA B 128 16.78 22.38 -7.96
CA ALA B 128 16.50 23.80 -7.92
C ALA B 128 17.80 24.57 -7.69
N ILE B 129 18.66 24.07 -6.80
CA ILE B 129 19.94 24.71 -6.53
C ILE B 129 20.81 24.69 -7.79
N LEU B 130 20.89 23.54 -8.45
CA LEU B 130 21.70 23.40 -9.66
C LEU B 130 21.19 24.29 -10.81
N ARG B 131 19.89 24.24 -11.04
CA ARG B 131 19.24 25.01 -12.09
C ARG B 131 19.50 26.52 -11.87
N ARG B 132 19.43 26.95 -10.62
CA ARG B 132 19.67 28.35 -10.31
C ARG B 132 21.12 28.71 -10.63
N GLY B 133 22.03 27.82 -10.26
CA GLY B 133 23.43 28.07 -10.53
C GLY B 133 23.69 28.18 -12.04
N VAL B 134 23.03 27.35 -12.82
CA VAL B 134 23.20 27.38 -14.26
C VAL B 134 22.73 28.71 -14.82
N GLU B 135 21.48 29.04 -14.52
CA GLU B 135 20.87 30.26 -14.99
C GLU B 135 21.61 31.56 -14.65
N GLN B 136 22.18 31.66 -13.46
CA GLN B 136 22.92 32.87 -13.14
C GLN B 136 24.41 32.71 -13.42
N GLY B 137 24.72 31.86 -14.39
CA GLY B 137 26.09 31.62 -14.82
C GLY B 137 27.13 31.13 -13.82
N VAL B 138 26.71 30.58 -12.70
CA VAL B 138 27.68 30.09 -11.72
C VAL B 138 28.13 28.68 -12.12
N PHE B 139 27.21 27.92 -12.70
CA PHE B 139 27.52 26.56 -13.14
C PHE B 139 27.44 26.45 -14.66
N ARG B 140 28.24 25.54 -15.20
CA ARG B 140 28.26 25.27 -16.63
C ARG B 140 26.90 24.67 -16.99
N GLU B 141 26.51 24.76 -18.26
CA GLU B 141 25.23 24.18 -18.65
C GLU B 141 25.37 22.68 -18.75
N VAL B 142 24.68 21.98 -17.87
CA VAL B 142 24.72 20.53 -17.82
C VAL B 142 23.31 20.01 -17.66
N ASP B 143 23.15 18.70 -17.83
CA ASP B 143 21.85 18.08 -17.64
C ASP B 143 21.65 18.11 -16.13
N VAL B 144 20.80 19.01 -15.65
CA VAL B 144 20.53 19.14 -14.23
C VAL B 144 20.04 17.84 -13.61
N ALA B 145 19.12 17.15 -14.28
CA ALA B 145 18.60 15.90 -13.76
C ALA B 145 19.72 14.88 -13.52
N LEU B 146 20.66 14.80 -14.44
CA LEU B 146 21.77 13.86 -14.27
C LEU B 146 22.75 14.36 -13.22
N ALA B 147 22.99 15.66 -13.21
CA ALA B 147 23.90 16.24 -12.22
C ALA B 147 23.36 15.95 -10.81
N GLY B 148 22.07 16.14 -10.60
CA GLY B 148 21.50 15.87 -9.30
C GLY B 148 21.58 14.37 -8.96
N ARG B 149 21.32 13.53 -9.93
CA ARG B 149 21.39 12.10 -9.68
C ARG B 149 22.82 11.72 -9.30
N ALA B 150 23.77 12.42 -9.93
CA ALA B 150 25.18 12.14 -9.68
C ALA B 150 25.54 12.50 -8.24
N VAL B 151 25.13 13.70 -7.83
CA VAL B 151 25.40 14.19 -6.48
C VAL B 151 24.75 13.26 -5.44
N LEU B 152 23.48 12.94 -5.66
CA LEU B 152 22.73 12.04 -4.77
C LEU B 152 23.33 10.62 -4.73
N SER B 153 23.90 10.19 -5.84
CA SER B 153 24.53 8.87 -5.90
C SER B 153 25.73 8.85 -4.96
N MSE B 154 26.51 9.93 -4.99
CA MSE B 154 27.68 10.06 -4.13
C MSE B 154 27.30 10.07 -2.65
O MSE B 154 27.97 9.46 -1.80
CB MSE B 154 28.43 11.35 -4.47
CG MSE B 154 29.25 11.30 -5.76
SE MSE B 154 30.02 13.05 -6.16
CE MSE B 154 28.94 13.44 -7.71
N LEU B 155 26.22 10.78 -2.31
CA LEU B 155 25.79 10.86 -0.92
C LEU B 155 25.10 9.58 -0.46
N ASN B 156 24.15 9.10 -1.27
CA ASN B 156 23.39 7.91 -0.89
C ASN B 156 24.17 6.60 -0.85
N TRP B 157 25.14 6.46 -1.75
CA TRP B 157 25.93 5.23 -1.79
C TRP B 157 26.83 5.15 -0.56
N MSE B 158 26.94 6.24 0.17
CA MSE B 158 27.77 6.26 1.38
C MSE B 158 27.28 5.24 2.41
O MSE B 158 28.07 4.73 3.21
CB MSE B 158 27.77 7.65 2.02
CG MSE B 158 28.77 8.65 1.42
SE MSE B 158 28.76 10.37 2.40
CE MSE B 158 29.89 9.83 3.89
N ILE B 159 25.98 4.94 2.38
CA ILE B 159 25.41 3.99 3.32
C ILE B 159 26.04 2.60 3.13
N ARG B 160 26.65 2.39 1.97
CA ARG B 160 27.28 1.13 1.65
C ARG B 160 28.74 0.99 2.09
N TRP B 161 29.35 2.06 2.56
CA TRP B 161 30.74 1.94 2.96
C TRP B 161 31.18 2.80 4.13
N PHE B 162 30.47 3.89 4.40
CA PHE B 162 30.85 4.74 5.50
C PHE B 162 30.81 3.98 6.83
N ARG B 163 31.82 4.20 7.66
CA ARG B 163 31.91 3.57 8.97
C ARG B 163 31.70 4.61 10.06
N PRO B 164 30.58 4.51 10.81
CA PRO B 164 30.22 5.43 11.89
C PRO B 164 31.35 5.77 12.87
N ASP B 165 32.19 4.80 13.20
CA ASP B 165 33.29 5.07 14.12
C ASP B 165 34.62 5.19 13.38
N GLY B 166 34.54 5.57 12.11
CA GLY B 166 35.74 5.72 11.30
C GLY B 166 36.42 7.05 11.60
N PRO B 167 37.63 7.28 11.04
CA PRO B 167 38.36 8.52 11.28
C PRO B 167 37.64 9.74 10.68
N MSE B 168 37.14 9.59 9.46
CA MSE B 168 36.45 10.69 8.79
C MSE B 168 34.96 10.86 9.09
O MSE B 168 34.23 9.88 9.23
CB MSE B 168 36.60 10.57 7.27
CG MSE B 168 38.00 10.74 6.76
SE MSE B 168 37.93 11.02 4.85
CE MSE B 168 37.63 9.18 4.30
N ARG B 169 34.53 12.12 9.17
CA ARG B 169 33.12 12.45 9.40
C ARG B 169 32.49 12.51 8.02
N ALA B 170 31.26 12.02 7.90
CA ALA B 170 30.56 12.02 6.63
C ALA B 170 30.64 13.39 5.99
N GLU B 171 30.48 14.42 6.82
CA GLU B 171 30.51 15.83 6.37
C GLU B 171 31.81 16.21 5.64
N GLU B 172 32.92 15.70 6.13
CA GLU B 172 34.22 15.98 5.52
C GLU B 172 34.23 15.26 4.18
N VAL B 173 33.70 14.03 4.16
CA VAL B 173 33.63 13.24 2.94
C VAL B 173 32.82 14.02 1.92
N ALA B 174 31.69 14.58 2.38
CA ALA B 174 30.81 15.35 1.50
C ALA B 174 31.46 16.62 0.99
N ARG B 175 32.31 17.24 1.81
CA ARG B 175 32.99 18.46 1.41
C ARG B 175 34.00 18.14 0.29
N ALA B 176 34.61 16.97 0.35
CA ALA B 176 35.56 16.55 -0.69
C ALA B 176 34.81 16.17 -1.97
N TYR B 177 33.61 15.60 -1.81
CA TYR B 177 32.83 15.24 -2.99
C TYR B 177 32.40 16.51 -3.71
N HIS B 178 32.09 17.56 -2.93
CA HIS B 178 31.66 18.85 -3.47
C HIS B 178 32.79 19.49 -4.27
N ASP B 179 33.99 19.50 -3.69
CA ASP B 179 35.16 20.05 -4.36
C ASP B 179 35.35 19.29 -5.68
N LEU B 180 35.23 17.97 -5.63
CA LEU B 180 35.41 17.14 -6.79
C LEU B 180 34.36 17.40 -7.88
N ILE B 181 33.09 17.41 -7.51
CA ILE B 181 32.01 17.63 -8.50
C ILE B 181 31.98 19.07 -9.03
N LEU B 182 32.40 20.03 -8.21
CA LEU B 182 32.38 21.42 -8.66
C LEU B 182 33.51 21.73 -9.64
N ARG B 183 34.73 21.34 -9.29
CA ARG B 183 35.88 21.63 -10.10
C ARG B 183 36.26 20.57 -11.13
N GLY B 184 35.76 19.35 -10.95
CA GLY B 184 36.09 18.29 -11.87
C GLY B 184 37.49 17.76 -11.59
N LEU B 185 37.95 16.85 -12.44
CA LEU B 185 39.27 16.24 -12.27
C LEU B 185 40.38 16.92 -13.06
N GLU B 186 40.05 17.47 -14.22
CA GLU B 186 41.08 18.11 -15.05
C GLU B 186 41.92 19.15 -14.31
N ARG B 187 43.08 19.46 -14.88
CA ARG B 187 44.01 20.43 -14.33
C ARG B 187 44.02 21.69 -15.19
N GLY B 188 44.53 22.78 -14.63
CA GLY B 188 44.59 24.04 -15.33
C GLY B 188 43.39 24.85 -14.91
N SER B 189 42.29 24.65 -15.63
CA SER B 189 41.01 25.28 -15.35
C SER B 189 40.11 24.07 -15.08
N ASP C 6 -3.24 -13.02 -6.88
CA ASP C 6 -1.76 -12.90 -7.03
C ASP C 6 -1.37 -11.68 -6.18
N ARG C 7 -0.14 -11.18 -6.35
CA ARG C 7 0.37 -10.08 -5.55
C ARG C 7 0.02 -8.66 -6.01
N ILE C 8 0.36 -8.28 -7.25
CA ILE C 8 0.04 -6.93 -7.71
C ILE C 8 -1.41 -6.57 -7.42
N LEU C 9 -2.31 -7.54 -7.60
CA LEU C 9 -3.72 -7.30 -7.34
C LEU C 9 -3.94 -7.07 -5.85
N GLU C 10 -3.16 -7.75 -5.02
CA GLU C 10 -3.27 -7.59 -3.59
C GLU C 10 -2.77 -6.23 -3.15
N GLU C 11 -1.69 -5.77 -3.76
CA GLU C 11 -1.12 -4.48 -3.46
C GLU C 11 -2.04 -3.38 -3.95
N ALA C 12 -2.61 -3.57 -5.13
CA ALA C 12 -3.53 -2.59 -5.70
C ALA C 12 -4.74 -2.47 -4.77
N ALA C 13 -5.28 -3.61 -4.36
CA ALA C 13 -6.44 -3.65 -3.49
C ALA C 13 -6.15 -2.87 -2.20
N LYS C 14 -4.98 -3.07 -1.60
CA LYS C 14 -4.60 -2.34 -0.39
C LYS C 14 -4.51 -0.85 -0.66
N LEU C 15 -3.89 -0.47 -1.77
CA LEU C 15 -3.77 0.94 -2.09
C LEU C 15 -5.16 1.56 -2.28
N PHE C 16 -6.04 0.85 -2.97
CA PHE C 16 -7.39 1.35 -3.20
C PHE C 16 -8.13 1.52 -1.86
N THR C 17 -7.86 0.62 -0.93
CA THR C 17 -8.49 0.67 0.39
C THR C 17 -7.98 1.85 1.21
N GLU C 18 -6.67 2.09 1.14
CA GLU C 18 -6.03 3.16 1.87
C GLU C 18 -6.27 4.53 1.26
N LYS C 19 -6.33 4.59 -0.06
CA LYS C 19 -6.48 5.87 -0.76
C LYS C 19 -7.75 6.06 -1.60
N GLY C 20 -8.51 5.00 -1.82
CA GLY C 20 -9.72 5.10 -2.61
C GLY C 20 -9.49 4.78 -4.08
N TYR C 21 -10.44 4.07 -4.71
CA TYR C 21 -10.30 3.68 -6.13
C TYR C 21 -10.17 4.87 -7.09
N GLU C 22 -11.18 5.74 -7.09
CA GLU C 22 -11.18 6.90 -7.98
C GLU C 22 -9.99 7.86 -7.78
N ALA C 23 -9.57 8.04 -6.53
CA ALA C 23 -8.46 8.92 -6.23
C ALA C 23 -7.09 8.32 -6.56
N THR C 24 -7.04 7.00 -6.76
CA THR C 24 -5.78 6.37 -7.09
C THR C 24 -5.61 6.23 -8.60
N SER C 25 -4.57 6.88 -9.12
CA SER C 25 -4.27 6.84 -10.55
C SER C 25 -3.43 5.61 -10.89
N VAL C 26 -3.33 5.31 -12.18
CA VAL C 26 -2.53 4.18 -12.64
C VAL C 26 -1.07 4.48 -12.29
N GLN C 27 -0.71 5.76 -12.32
CA GLN C 27 0.65 6.18 -12.00
C GLN C 27 0.96 5.91 -10.54
N ASP C 28 -0.02 6.16 -9.67
CA ASP C 28 0.17 5.89 -8.23
C ASP C 28 0.42 4.41 -8.04
N LEU C 29 -0.39 3.58 -8.71
CA LEU C 29 -0.27 2.12 -8.62
C LEU C 29 1.09 1.64 -9.10
N ALA C 30 1.54 2.17 -10.22
CA ALA C 30 2.84 1.79 -10.76
C ALA C 30 3.95 2.14 -9.76
N GLN C 31 3.92 3.37 -9.25
CA GLN C 31 4.91 3.84 -8.27
C GLN C 31 4.88 2.97 -7.01
N ALA C 32 3.68 2.75 -6.49
CA ALA C 32 3.50 1.93 -5.29
C ALA C 32 3.95 0.48 -5.52
N LEU C 33 3.63 -0.05 -6.70
CA LEU C 33 4.02 -1.42 -7.04
C LEU C 33 5.45 -1.51 -7.54
N GLY C 34 6.12 -0.37 -7.63
CA GLY C 34 7.48 -0.40 -8.14
C GLY C 34 7.44 -1.03 -9.52
N LEU C 35 6.69 -0.39 -10.41
CA LEU C 35 6.53 -0.83 -11.79
C LEU C 35 6.33 0.40 -12.66
N SER C 36 6.63 0.27 -13.94
CA SER C 36 6.45 1.38 -14.86
C SER C 36 4.98 1.29 -15.22
N LYS C 37 4.41 2.41 -15.66
CA LYS C 37 3.01 2.44 -16.06
C LYS C 37 2.77 1.44 -17.19
N ALA C 38 3.74 1.32 -18.09
CA ALA C 38 3.64 0.41 -19.23
C ALA C 38 3.57 -1.07 -18.82
N ALA C 39 4.36 -1.46 -17.83
CA ALA C 39 4.35 -2.85 -17.38
C ALA C 39 2.99 -3.19 -16.77
N LEU C 40 2.41 -2.19 -16.10
CA LEU C 40 1.10 -2.35 -15.48
C LEU C 40 0.08 -2.58 -16.58
N TYR C 41 0.22 -1.85 -17.68
CA TYR C 41 -0.70 -2.00 -18.81
C TYR C 41 -0.51 -3.31 -19.54
N HIS C 42 0.73 -3.74 -19.68
CA HIS C 42 1.00 -5.00 -20.35
C HIS C 42 0.31 -6.14 -19.60
N HIS C 43 0.40 -6.08 -18.27
CA HIS C 43 -0.17 -7.11 -17.39
C HIS C 43 -1.69 -7.10 -17.26
N PHE C 44 -2.30 -5.92 -17.32
CA PHE C 44 -3.75 -5.84 -17.16
C PHE C 44 -4.48 -5.05 -18.24
N GLY C 45 -3.75 -4.30 -19.06
CA GLY C 45 -4.39 -3.53 -20.11
C GLY C 45 -5.01 -2.21 -19.67
N SER C 46 -5.64 -2.18 -18.50
CA SER C 46 -6.26 -0.94 -18.01
C SER C 46 -6.55 -1.00 -16.53
N LYS C 47 -6.89 0.16 -15.97
CA LYS C 47 -7.21 0.27 -14.56
C LYS C 47 -8.47 -0.55 -14.22
N GLU C 48 -9.51 -0.38 -15.02
CA GLU C 48 -10.78 -1.05 -14.81
C GLU C 48 -10.63 -2.56 -14.82
N GLU C 49 -9.71 -3.09 -15.62
CA GLU C 49 -9.47 -4.54 -15.68
C GLU C 49 -8.92 -4.99 -14.32
N ILE C 50 -8.15 -4.12 -13.68
CA ILE C 50 -7.56 -4.43 -12.38
C ILE C 50 -8.67 -4.47 -11.31
N LEU C 51 -9.59 -3.51 -11.37
CA LEU C 51 -10.71 -3.49 -10.43
C LEU C 51 -11.51 -4.77 -10.62
N TYR C 52 -11.75 -5.12 -11.88
CA TYR C 52 -12.48 -6.33 -12.25
C TYR C 52 -11.83 -7.63 -11.73
N GLU C 53 -10.51 -7.74 -11.88
CA GLU C 53 -9.82 -8.95 -11.42
C GLU C 53 -9.79 -9.02 -9.88
N ILE C 54 -9.71 -7.87 -9.25
CA ILE C 54 -9.78 -7.86 -7.79
C ILE C 54 -11.20 -8.34 -7.38
N SER C 55 -12.23 -7.83 -8.05
CA SER C 55 -13.60 -8.24 -7.70
C SER C 55 -13.81 -9.72 -7.95
N LEU C 56 -13.24 -10.20 -9.04
CA LEU C 56 -13.33 -11.58 -9.46
C LEU C 56 -12.66 -12.50 -8.45
N LEU C 57 -11.45 -12.15 -8.04
CA LEU C 57 -10.75 -12.98 -7.07
C LEU C 57 -11.57 -13.09 -5.80
N ALA C 58 -12.11 -11.97 -5.33
CA ALA C 58 -12.91 -11.97 -4.11
C ALA C 58 -14.17 -12.82 -4.21
N LEU C 59 -14.90 -12.68 -5.31
CA LEU C 59 -16.17 -13.41 -5.47
C LEU C 59 -15.98 -14.88 -5.73
N LYS C 60 -14.93 -15.24 -6.47
CA LYS C 60 -14.65 -16.64 -6.75
C LYS C 60 -14.23 -17.33 -5.46
N GLY C 61 -13.40 -16.64 -4.68
CA GLY C 61 -12.95 -17.20 -3.42
C GLY C 61 -14.14 -17.39 -2.50
N LEU C 62 -15.04 -16.40 -2.52
CA LEU C 62 -16.21 -16.46 -1.68
C LEU C 62 -17.13 -17.61 -2.08
N VAL C 63 -17.41 -17.71 -3.37
CA VAL C 63 -18.25 -18.78 -3.90
C VAL C 63 -17.66 -20.13 -3.49
N ALA C 64 -16.34 -20.26 -3.61
CA ALA C 64 -15.67 -21.52 -3.27
C ALA C 64 -15.77 -21.86 -1.79
N ALA C 65 -15.39 -20.91 -0.93
CA ALA C 65 -15.42 -21.15 0.51
C ALA C 65 -16.81 -21.58 0.93
N GLY C 66 -17.83 -21.08 0.23
CA GLY C 66 -19.20 -21.45 0.56
C GLY C 66 -19.62 -22.83 0.07
N GLU C 67 -19.11 -23.23 -1.09
CA GLU C 67 -19.42 -24.53 -1.67
C GLU C 67 -19.00 -25.66 -0.75
N LYS C 68 -17.99 -25.40 0.08
CA LYS C 68 -17.50 -26.41 1.01
C LYS C 68 -18.60 -26.84 1.98
N ALA C 69 -19.53 -25.92 2.23
CA ALA C 69 -20.63 -26.17 3.17
C ALA C 69 -21.77 -27.01 2.59
N LEU C 70 -21.95 -26.96 1.28
CA LEU C 70 -23.00 -27.72 0.63
C LEU C 70 -22.83 -29.21 0.90
N GLU C 71 -21.60 -29.60 1.19
CA GLU C 71 -21.25 -31.00 1.44
C GLU C 71 -21.47 -31.43 2.89
N VAL C 72 -22.04 -30.56 3.70
CA VAL C 72 -22.30 -30.89 5.09
C VAL C 72 -23.72 -31.41 5.25
N ALA C 73 -23.83 -32.67 5.64
CA ALA C 73 -25.12 -33.33 5.82
C ALA C 73 -26.12 -32.54 6.65
N ASP C 74 -25.73 -32.23 7.88
CA ASP C 74 -26.58 -31.49 8.79
C ASP C 74 -26.77 -30.05 8.31
N PRO C 75 -28.01 -29.68 7.96
CA PRO C 75 -28.32 -28.32 7.49
C PRO C 75 -27.88 -27.22 8.45
N LYS C 76 -28.06 -27.45 9.74
CA LYS C 76 -27.68 -26.45 10.74
C LYS C 76 -26.18 -26.20 10.71
N GLU C 77 -25.43 -27.29 10.58
CA GLU C 77 -23.98 -27.24 10.56
C GLU C 77 -23.49 -26.65 9.24
N ALA C 78 -24.18 -26.99 8.17
CA ALA C 78 -23.84 -26.48 6.84
C ALA C 78 -23.99 -24.97 6.82
N LEU C 79 -25.07 -24.48 7.42
CA LEU C 79 -25.32 -23.05 7.46
C LEU C 79 -24.18 -22.36 8.21
N ARG C 80 -23.83 -22.90 9.38
CA ARG C 80 -22.76 -22.31 10.19
C ARG C 80 -21.41 -22.26 9.45
N ARG C 81 -21.06 -23.34 8.75
CA ARG C 81 -19.79 -23.37 8.03
C ARG C 81 -19.81 -22.37 6.88
N PHE C 82 -20.98 -22.20 6.28
CA PHE C 82 -21.13 -21.26 5.18
C PHE C 82 -20.91 -19.84 5.69
N MSE C 83 -21.55 -19.50 6.80
CA MSE C 83 -21.43 -18.18 7.37
C MSE C 83 -20.03 -17.87 7.88
O MSE C 83 -19.53 -16.75 7.72
CB MSE C 83 -22.44 -18.00 8.49
CG MSE C 83 -23.86 -17.93 7.97
SE MSE C 83 -25.25 -17.81 9.31
CE MSE C 83 -24.88 -16.05 10.01
N GLU C 84 -19.38 -18.87 8.49
CA GLU C 84 -18.03 -18.68 9.01
C GLU C 84 -16.99 -18.66 7.90
N ALA C 85 -17.17 -19.52 6.90
CA ALA C 85 -16.21 -19.52 5.80
C ALA C 85 -16.31 -18.16 5.12
N HIS C 86 -17.53 -17.69 4.89
CA HIS C 86 -17.73 -16.38 4.27
C HIS C 86 -17.00 -15.26 5.04
N ALA C 87 -17.27 -15.16 6.35
CA ALA C 87 -16.65 -14.13 7.19
C ALA C 87 -15.12 -14.25 7.23
N ARG C 88 -14.63 -15.47 7.34
CA ARG C 88 -13.19 -15.68 7.37
C ARG C 88 -12.54 -15.23 6.06
N TYR C 89 -13.11 -15.66 4.94
CA TYR C 89 -12.56 -15.28 3.65
C TYR C 89 -12.59 -13.77 3.49
N PHE C 90 -13.67 -13.15 3.95
CA PHE C 90 -13.82 -11.72 3.88
C PHE C 90 -12.68 -11.02 4.64
N GLU C 91 -12.42 -11.46 5.87
CA GLU C 91 -11.38 -10.84 6.68
C GLU C 91 -9.98 -11.07 6.12
N GLU C 92 -9.69 -12.29 5.69
CA GLU C 92 -8.37 -12.57 5.12
C GLU C 92 -8.11 -11.76 3.83
N ASN C 93 -9.17 -11.41 3.12
CA ASN C 93 -9.05 -10.67 1.86
C ASN C 93 -9.77 -9.34 1.92
N TYR C 94 -9.77 -8.76 3.12
CA TYR C 94 -10.43 -7.49 3.39
C TYR C 94 -10.30 -6.43 2.30
N PRO C 95 -9.06 -6.10 1.90
CA PRO C 95 -8.85 -5.09 0.87
C PRO C 95 -9.61 -5.33 -0.45
N PHE C 96 -9.68 -6.59 -0.88
CA PHE C 96 -10.38 -6.92 -2.12
C PHE C 96 -11.86 -6.56 -2.02
N PHE C 97 -12.47 -6.89 -0.88
CA PHE C 97 -13.89 -6.59 -0.68
C PHE C 97 -14.14 -5.09 -0.61
N VAL C 98 -13.28 -4.35 0.09
CA VAL C 98 -13.47 -2.90 0.16
C VAL C 98 -13.35 -2.31 -1.24
N THR C 99 -12.40 -2.83 -2.02
CA THR C 99 -12.21 -2.32 -3.38
C THR C 99 -13.40 -2.70 -4.24
N MSE C 100 -13.78 -3.96 -4.19
CA MSE C 100 -14.89 -4.44 -4.98
C MSE C 100 -16.16 -3.63 -4.74
O MSE C 100 -16.77 -3.12 -5.69
CB MSE C 100 -15.15 -5.90 -4.65
CG MSE C 100 -16.22 -6.51 -5.50
SE MSE C 100 -17.07 -7.90 -4.52
CE MSE C 100 -18.51 -6.84 -3.78
N LEU C 101 -16.56 -3.48 -3.48
CA LEU C 101 -17.75 -2.71 -3.17
C LEU C 101 -17.61 -1.25 -3.58
N GLN C 102 -16.43 -0.69 -3.35
CA GLN C 102 -16.15 0.70 -3.67
C GLN C 102 -16.12 1.04 -5.16
N GLY C 103 -15.91 0.03 -6.00
CA GLY C 103 -15.85 0.30 -7.43
C GLY C 103 -16.96 -0.32 -8.26
N ILE C 104 -17.98 -0.87 -7.61
CA ILE C 104 -19.09 -1.50 -8.33
C ILE C 104 -19.53 -0.75 -9.58
N LYS C 105 -19.83 0.55 -9.41
CA LYS C 105 -20.28 1.40 -10.51
C LYS C 105 -19.24 1.56 -11.60
N SER C 106 -17.98 1.28 -11.28
CA SER C 106 -16.88 1.44 -12.23
C SER C 106 -16.65 0.28 -13.17
N LEU C 107 -17.25 -0.86 -12.91
CA LEU C 107 -17.06 -2.01 -13.80
C LEU C 107 -17.82 -1.80 -15.10
N SER C 108 -17.28 -2.32 -16.20
CA SER C 108 -17.97 -2.19 -17.48
C SER C 108 -19.14 -3.18 -17.42
N PRO C 109 -20.18 -2.96 -18.25
CA PRO C 109 -21.33 -3.88 -18.22
C PRO C 109 -21.06 -5.35 -18.36
N GLU C 110 -20.11 -5.71 -19.22
CA GLU C 110 -19.79 -7.11 -19.43
C GLU C 110 -19.15 -7.70 -18.19
N ASN C 111 -18.30 -6.91 -17.55
CA ASN C 111 -17.63 -7.38 -16.34
C ASN C 111 -18.65 -7.48 -15.21
N ARG C 112 -19.62 -6.56 -15.16
CA ARG C 112 -20.67 -6.60 -14.14
C ARG C 112 -21.41 -7.92 -14.18
N LEU C 113 -21.67 -8.40 -15.40
CA LEU C 113 -22.39 -9.65 -15.59
C LEU C 113 -21.68 -10.84 -14.98
N LYS C 114 -20.35 -10.84 -15.07
CA LYS C 114 -19.57 -11.92 -14.52
C LYS C 114 -19.57 -11.84 -12.99
N THR C 115 -19.50 -10.64 -12.44
CA THR C 115 -19.48 -10.55 -10.99
C THR C 115 -20.86 -10.87 -10.43
N ILE C 116 -21.91 -10.44 -11.10
CA ILE C 116 -23.27 -10.73 -10.63
C ILE C 116 -23.54 -12.24 -10.65
N ALA C 117 -23.14 -12.92 -11.72
CA ALA C 117 -23.35 -14.35 -11.82
C ALA C 117 -22.69 -15.04 -10.63
N LEU C 118 -21.54 -14.52 -10.20
CA LEU C 118 -20.85 -15.11 -9.07
C LEU C 118 -21.62 -14.80 -7.79
N ARG C 119 -22.06 -13.54 -7.65
CA ARG C 119 -22.81 -13.14 -6.47
C ARG C 119 -24.04 -14.05 -6.40
N ASP C 120 -24.76 -14.16 -7.52
CA ASP C 120 -25.95 -15.01 -7.58
C ASP C 120 -25.68 -16.46 -7.24
N ARG C 121 -24.51 -16.96 -7.64
CA ARG C 121 -24.17 -18.35 -7.35
C ARG C 121 -23.96 -18.57 -5.86
N HIS C 122 -23.38 -17.58 -5.19
CA HIS C 122 -23.12 -17.67 -3.75
C HIS C 122 -24.48 -17.73 -3.04
N GLU C 123 -25.40 -16.88 -3.48
CA GLU C 123 -26.73 -16.85 -2.90
C GLU C 123 -27.51 -18.16 -3.18
N GLU C 124 -27.35 -18.73 -4.37
CA GLU C 124 -28.06 -19.96 -4.65
C GLU C 124 -27.57 -21.08 -3.75
N ASN C 125 -26.27 -21.14 -3.51
CA ASN C 125 -25.74 -22.18 -2.64
C ASN C 125 -26.32 -22.04 -1.23
N LEU C 126 -26.44 -20.81 -0.74
CA LEU C 126 -27.00 -20.59 0.58
C LEU C 126 -28.46 -21.03 0.57
N ARG C 127 -29.21 -20.62 -0.45
CA ARG C 127 -30.62 -21.00 -0.56
C ARG C 127 -30.78 -22.51 -0.55
N ALA C 128 -29.84 -23.21 -1.20
CA ALA C 128 -29.88 -24.66 -1.25
C ALA C 128 -29.77 -25.23 0.16
N ILE C 129 -28.86 -24.68 0.96
CA ILE C 129 -28.68 -25.13 2.34
C ILE C 129 -29.96 -24.91 3.15
N LEU C 130 -30.56 -23.74 3.00
CA LEU C 130 -31.77 -23.42 3.73
C LEU C 130 -32.93 -24.30 3.27
N ARG C 131 -33.06 -24.46 1.96
CA ARG C 131 -34.11 -25.25 1.35
C ARG C 131 -34.00 -26.70 1.83
N ARG C 132 -32.77 -27.18 1.91
CA ARG C 132 -32.49 -28.53 2.37
C ARG C 132 -32.99 -28.67 3.82
N GLY C 133 -32.57 -27.75 4.68
CA GLY C 133 -32.97 -27.78 6.07
C GLY C 133 -34.48 -27.77 6.24
N VAL C 134 -35.15 -26.98 5.43
CA VAL C 134 -36.60 -26.88 5.50
C VAL C 134 -37.23 -28.23 5.14
N GLU C 135 -36.67 -28.89 4.14
CA GLU C 135 -37.22 -30.16 3.70
C GLU C 135 -36.83 -31.35 4.56
N GLN C 136 -35.81 -31.22 5.39
CA GLN C 136 -35.41 -32.32 6.26
C GLN C 136 -36.10 -32.13 7.60
N GLY C 137 -36.91 -31.08 7.70
CA GLY C 137 -37.62 -30.77 8.93
C GLY C 137 -36.75 -30.07 9.96
N VAL C 138 -35.50 -29.78 9.59
CA VAL C 138 -34.55 -29.12 10.49
C VAL C 138 -34.83 -27.62 10.66
N PHE C 139 -35.32 -26.97 9.61
CA PHE C 139 -35.63 -25.55 9.68
C PHE C 139 -37.14 -25.35 9.56
N ARG C 140 -37.63 -24.26 10.12
CA ARG C 140 -39.03 -23.90 10.07
C ARG C 140 -39.35 -23.61 8.60
N GLU C 141 -40.63 -23.53 8.23
CA GLU C 141 -40.97 -23.26 6.84
C GLU C 141 -41.00 -21.77 6.55
N VAL C 142 -39.84 -21.17 6.32
CA VAL C 142 -39.76 -19.76 6.02
C VAL C 142 -39.59 -19.48 4.54
N ASP C 143 -39.71 -18.21 4.18
CA ASP C 143 -39.49 -17.78 2.81
C ASP C 143 -37.98 -17.93 2.68
N VAL C 144 -37.53 -18.84 1.84
CA VAL C 144 -36.09 -19.07 1.69
C VAL C 144 -35.34 -17.89 1.06
N ALA C 145 -35.89 -17.29 0.01
CA ALA C 145 -35.21 -16.17 -0.62
C ALA C 145 -34.98 -15.11 0.43
N LEU C 146 -36.00 -14.82 1.23
CA LEU C 146 -35.90 -13.82 2.28
C LEU C 146 -34.87 -14.22 3.36
N ALA C 147 -34.91 -15.48 3.80
CA ALA C 147 -33.97 -15.94 4.81
C ALA C 147 -32.55 -15.84 4.29
N GLY C 148 -32.37 -16.17 3.01
CA GLY C 148 -31.04 -16.10 2.43
C GLY C 148 -30.57 -14.65 2.37
N ARG C 149 -31.49 -13.76 2.03
CA ARG C 149 -31.17 -12.34 1.95
C ARG C 149 -30.83 -11.78 3.34
N ALA C 150 -31.42 -12.36 4.39
CA ALA C 150 -31.15 -11.92 5.75
C ALA C 150 -29.75 -12.34 6.19
N VAL C 151 -29.39 -13.59 5.89
CA VAL C 151 -28.06 -14.08 6.24
C VAL C 151 -27.01 -13.26 5.48
N LEU C 152 -27.23 -13.07 4.18
CA LEU C 152 -26.27 -12.32 3.38
C LEU C 152 -26.17 -10.85 3.81
N SER C 153 -27.27 -10.27 4.25
CA SER C 153 -27.23 -8.87 4.70
C SER C 153 -26.32 -8.74 5.92
N MSE C 154 -26.38 -9.69 6.83
CA MSE C 154 -25.54 -9.67 8.03
C MSE C 154 -24.07 -9.84 7.66
O MSE C 154 -23.20 -9.14 8.18
CB MSE C 154 -25.94 -10.81 9.00
CG MSE C 154 -27.37 -10.72 9.54
SE MSE C 154 -27.80 -12.16 10.78
CE MSE C 154 -27.90 -13.62 9.55
N LEU C 155 -23.79 -10.79 6.78
CA LEU C 155 -22.41 -11.03 6.37
C LEU C 155 -21.85 -9.89 5.55
N ASN C 156 -22.61 -9.41 4.57
CA ASN C 156 -22.10 -8.34 3.71
C ASN C 156 -22.04 -6.95 4.33
N TRP C 157 -23.00 -6.62 5.18
CA TRP C 157 -23.01 -5.30 5.81
C TRP C 157 -21.71 -5.09 6.59
N MSE C 158 -21.09 -6.19 7.01
CA MSE C 158 -19.84 -6.12 7.75
C MSE C 158 -18.79 -5.29 6.99
O MSE C 158 -18.05 -4.51 7.60
CB MSE C 158 -19.30 -7.54 7.97
CG MSE C 158 -20.03 -8.34 9.04
SE MSE C 158 -19.15 -10.04 9.43
CE MSE C 158 -17.86 -9.37 10.69
N ILE C 159 -18.75 -5.44 5.67
CA ILE C 159 -17.78 -4.68 4.88
C ILE C 159 -17.80 -3.20 5.21
N ARG C 160 -18.94 -2.69 5.66
CA ARG C 160 -19.05 -1.28 6.01
C ARG C 160 -18.74 -0.93 7.46
N TRP C 161 -18.91 -1.86 8.39
CA TRP C 161 -18.63 -1.51 9.78
C TRP C 161 -17.47 -2.26 10.43
N PHE C 162 -17.23 -3.49 9.98
CA PHE C 162 -16.14 -4.28 10.55
C PHE C 162 -14.78 -3.59 10.38
N ARG C 163 -13.99 -3.63 11.45
CA ARG C 163 -12.67 -3.02 11.46
C ARG C 163 -11.62 -4.08 11.73
N PRO C 164 -10.75 -4.37 10.73
CA PRO C 164 -9.68 -5.37 10.82
C PRO C 164 -8.63 -5.09 11.88
N ASP C 165 -8.46 -3.82 12.24
CA ASP C 165 -7.46 -3.42 13.25
C ASP C 165 -8.01 -3.56 14.67
N GLY C 166 -9.16 -4.20 14.79
CA GLY C 166 -9.76 -4.39 16.10
C GLY C 166 -9.48 -5.76 16.69
N PRO C 167 -9.96 -6.03 17.92
CA PRO C 167 -9.76 -7.31 18.62
C PRO C 167 -10.71 -8.41 18.14
N MSE C 168 -11.91 -8.02 17.71
CA MSE C 168 -12.89 -8.99 17.24
C MSE C 168 -12.65 -9.46 15.81
O MSE C 168 -12.39 -8.65 14.93
CB MSE C 168 -14.31 -8.43 17.33
CG MSE C 168 -14.88 -8.39 18.73
SE MSE C 168 -16.77 -8.80 18.68
CE MSE C 168 -17.43 -7.11 18.03
N ARG C 169 -12.77 -10.76 15.61
CA ARG C 169 -12.59 -11.37 14.30
C ARG C 169 -13.93 -11.58 13.60
N ALA C 170 -13.96 -11.34 12.30
CA ALA C 170 -15.16 -11.50 11.48
C ALA C 170 -15.84 -12.85 11.68
N GLU C 171 -15.04 -13.90 11.75
CA GLU C 171 -15.59 -15.23 11.92
C GLU C 171 -16.35 -15.37 13.24
N GLU C 172 -15.85 -14.73 14.30
CA GLU C 172 -16.50 -14.79 15.61
C GLU C 172 -17.86 -14.11 15.53
N VAL C 173 -17.90 -12.95 14.88
CA VAL C 173 -19.15 -12.24 14.73
C VAL C 173 -20.14 -13.15 13.98
N ALA C 174 -19.65 -13.77 12.92
CA ALA C 174 -20.49 -14.65 12.11
C ALA C 174 -21.07 -15.78 12.95
N ARG C 175 -20.25 -16.37 13.80
CA ARG C 175 -20.69 -17.47 14.66
C ARG C 175 -21.80 -17.00 15.58
N ALA C 176 -21.72 -15.76 16.02
CA ALA C 176 -22.74 -15.19 16.89
C ALA C 176 -24.00 -14.91 16.05
N TYR C 177 -23.80 -14.53 14.80
CA TYR C 177 -24.93 -14.27 13.90
C TYR C 177 -25.66 -15.59 13.61
N HIS C 178 -24.89 -16.65 13.44
CA HIS C 178 -25.45 -17.96 13.17
C HIS C 178 -26.30 -18.43 14.35
N ASP C 179 -25.75 -18.29 15.55
CA ASP C 179 -26.48 -18.68 16.76
C ASP C 179 -27.78 -17.89 16.80
N LEU C 180 -27.70 -16.61 16.50
CA LEU C 180 -28.88 -15.74 16.51
C LEU C 180 -29.95 -16.08 15.45
N ILE C 181 -29.52 -16.35 14.22
CA ILE C 181 -30.47 -16.63 13.15
C ILE C 181 -31.04 -18.04 13.26
N LEU C 182 -30.27 -18.95 13.83
CA LEU C 182 -30.72 -20.31 13.99
C LEU C 182 -31.71 -20.45 15.15
N ARG C 183 -31.33 -19.91 16.31
CA ARG C 183 -32.14 -20.02 17.52
C ARG C 183 -33.14 -18.90 17.76
N GLY C 184 -32.84 -17.71 17.25
CA GLY C 184 -33.75 -16.58 17.46
C GLY C 184 -33.45 -15.82 18.75
N LEU C 185 -34.15 -14.70 18.93
CA LEU C 185 -34.00 -13.86 20.13
C LEU C 185 -34.84 -14.38 21.29
N GLU C 186 -35.95 -15.04 20.95
CA GLU C 186 -36.89 -15.57 21.93
C GLU C 186 -36.36 -16.51 22.97
N ARG C 187 -36.77 -16.21 24.21
CA ARG C 187 -36.45 -16.94 25.42
C ARG C 187 -37.07 -18.32 25.27
N VAL D 1 -46.82 19.71 4.23
CA VAL D 1 -46.04 18.44 4.34
C VAL D 1 -44.55 18.73 4.52
N THR D 2 -43.93 19.36 3.52
CA THR D 2 -42.52 19.70 3.55
C THR D 2 -42.27 21.17 3.26
N THR D 3 -41.33 21.77 3.99
CA THR D 3 -40.99 23.19 3.83
C THR D 3 -40.06 23.44 2.65
N THR D 4 -39.82 24.72 2.35
CA THR D 4 -38.95 25.12 1.25
C THR D 4 -37.52 24.57 1.34
N ARG D 5 -36.79 24.91 2.40
CA ARG D 5 -35.42 24.42 2.54
C ARG D 5 -35.44 22.90 2.44
N ASP D 6 -36.43 22.28 3.09
CA ASP D 6 -36.59 20.84 3.07
C ASP D 6 -36.83 20.29 1.65
N ARG D 7 -37.56 21.06 0.84
CA ARG D 7 -37.86 20.66 -0.53
C ARG D 7 -36.58 20.74 -1.36
N ILE D 8 -35.81 21.81 -1.14
CA ILE D 8 -34.54 22.01 -1.82
C ILE D 8 -33.58 20.86 -1.47
N LEU D 9 -33.54 20.47 -0.19
CA LEU D 9 -32.70 19.36 0.24
C LEU D 9 -33.21 18.06 -0.41
N GLU D 10 -34.53 17.94 -0.49
CA GLU D 10 -35.13 16.76 -1.11
C GLU D 10 -34.72 16.68 -2.58
N GLU D 11 -34.72 17.83 -3.26
CA GLU D 11 -34.34 17.89 -4.67
C GLU D 11 -32.86 17.55 -4.82
N ALA D 12 -32.02 18.13 -3.97
CA ALA D 12 -30.59 17.85 -4.02
C ALA D 12 -30.38 16.34 -3.83
N ALA D 13 -31.07 15.76 -2.86
CA ALA D 13 -30.97 14.33 -2.59
C ALA D 13 -31.31 13.49 -3.82
N LYS D 14 -32.34 13.87 -4.56
CA LYS D 14 -32.71 13.10 -5.76
C LYS D 14 -31.63 13.25 -6.84
N LEU D 15 -31.10 14.46 -6.97
CA LEU D 15 -30.07 14.69 -7.96
C LEU D 15 -28.83 13.87 -7.62
N PHE D 16 -28.44 13.87 -6.34
CA PHE D 16 -27.27 13.11 -5.91
C PHE D 16 -27.49 11.64 -6.17
N THR D 17 -28.73 11.18 -5.99
CA THR D 17 -29.07 9.78 -6.23
C THR D 17 -29.02 9.42 -7.72
N GLU D 18 -29.57 10.28 -8.57
CA GLU D 18 -29.59 10.04 -10.01
C GLU D 18 -28.21 10.21 -10.62
N LYS D 19 -27.52 11.28 -10.25
CA LYS D 19 -26.22 11.61 -10.82
C LYS D 19 -24.97 11.18 -10.06
N GLY D 20 -25.06 11.09 -8.74
CA GLY D 20 -23.89 10.73 -7.95
C GLY D 20 -23.41 12.00 -7.27
N TYR D 21 -23.04 11.90 -6.00
CA TYR D 21 -22.59 13.06 -5.24
C TYR D 21 -21.29 13.71 -5.72
N GLU D 22 -20.24 12.92 -5.90
CA GLU D 22 -18.96 13.45 -6.33
C GLU D 22 -19.01 13.99 -7.75
N ALA D 23 -19.89 13.43 -8.57
CA ALA D 23 -20.02 13.85 -9.95
C ALA D 23 -20.94 15.05 -10.11
N THR D 24 -21.39 15.62 -9.00
CA THR D 24 -22.27 16.77 -9.05
C THR D 24 -21.60 18.05 -8.59
N SER D 25 -21.58 19.05 -9.47
CA SER D 25 -20.97 20.34 -9.15
C SER D 25 -22.04 21.27 -8.61
N VAL D 26 -21.61 22.39 -8.02
CA VAL D 26 -22.53 23.39 -7.46
C VAL D 26 -23.36 23.96 -8.61
N GLN D 27 -22.73 24.10 -9.77
CA GLN D 27 -23.41 24.61 -10.95
C GLN D 27 -24.57 23.66 -11.30
N ASP D 28 -24.28 22.35 -11.36
CA ASP D 28 -25.32 21.36 -11.67
C ASP D 28 -26.42 21.47 -10.61
N LEU D 29 -26.01 21.56 -9.35
CA LEU D 29 -26.95 21.64 -8.25
C LEU D 29 -27.85 22.87 -8.38
N ALA D 30 -27.25 24.03 -8.63
CA ALA D 30 -28.02 25.26 -8.77
C ALA D 30 -29.04 25.13 -9.91
N GLN D 31 -28.57 24.74 -11.09
CA GLN D 31 -29.47 24.61 -12.22
C GLN D 31 -30.61 23.65 -11.92
N ALA D 32 -30.29 22.47 -11.40
CA ALA D 32 -31.30 21.48 -11.08
C ALA D 32 -32.31 21.97 -10.05
N LEU D 33 -31.89 22.83 -9.14
CA LEU D 33 -32.79 23.34 -8.11
C LEU D 33 -33.53 24.59 -8.54
N GLY D 34 -33.35 25.00 -9.79
CA GLY D 34 -34.02 26.19 -10.27
C GLY D 34 -33.50 27.44 -9.57
N LEU D 35 -32.34 27.31 -8.93
CA LEU D 35 -31.71 28.43 -8.24
C LEU D 35 -30.51 28.92 -9.03
N SER D 36 -30.13 30.18 -8.79
CA SER D 36 -28.97 30.75 -9.44
C SER D 36 -27.80 30.30 -8.57
N LYS D 37 -26.60 30.29 -9.13
CA LYS D 37 -25.44 29.87 -8.36
C LYS D 37 -25.28 30.74 -7.13
N ALA D 38 -25.44 32.05 -7.30
CA ALA D 38 -25.30 32.99 -6.20
C ALA D 38 -26.29 32.71 -5.07
N ALA D 39 -27.54 32.43 -5.42
CA ALA D 39 -28.56 32.14 -4.41
C ALA D 39 -28.18 30.87 -3.65
N LEU D 40 -27.54 29.92 -4.33
CA LEU D 40 -27.14 28.66 -3.71
C LEU D 40 -25.99 28.84 -2.73
N TYR D 41 -25.02 29.68 -3.10
CA TYR D 41 -23.86 29.93 -2.25
C TYR D 41 -24.21 30.76 -1.02
N HIS D 42 -25.15 31.68 -1.16
CA HIS D 42 -25.54 32.52 -0.04
C HIS D 42 -26.39 31.76 0.96
N HIS D 43 -27.22 30.85 0.45
CA HIS D 43 -28.10 30.06 1.32
C HIS D 43 -27.54 28.74 1.87
N PHE D 44 -26.48 28.22 1.25
CA PHE D 44 -25.89 26.95 1.68
C PHE D 44 -24.37 26.98 1.77
N GLY D 45 -23.74 27.86 0.99
CA GLY D 45 -22.29 27.97 1.04
C GLY D 45 -21.48 26.99 0.20
N SER D 46 -21.90 25.72 0.19
CA SER D 46 -21.17 24.70 -0.56
C SER D 46 -22.03 23.45 -0.60
N LYS D 47 -21.68 22.48 -1.45
CA LYS D 47 -22.50 21.28 -1.53
C LYS D 47 -22.31 20.37 -0.32
N GLU D 48 -21.16 20.51 0.35
CA GLU D 48 -20.89 19.73 1.55
C GLU D 48 -21.91 20.06 2.66
N GLU D 49 -22.35 21.31 2.72
CA GLU D 49 -23.36 21.76 3.70
C GLU D 49 -24.71 21.13 3.37
N ILE D 50 -25.04 21.09 2.09
CA ILE D 50 -26.29 20.49 1.63
C ILE D 50 -26.27 19.00 1.97
N LEU D 51 -25.14 18.36 1.70
CA LEU D 51 -24.96 16.93 2.01
C LEU D 51 -25.18 16.68 3.50
N TYR D 52 -24.53 17.51 4.31
CA TYR D 52 -24.64 17.42 5.76
C TYR D 52 -26.09 17.55 6.22
N GLU D 53 -26.73 18.63 5.79
CA GLU D 53 -28.11 18.89 6.16
C GLU D 53 -29.07 17.81 5.69
N ILE D 54 -28.75 17.20 4.55
CA ILE D 54 -29.56 16.10 4.04
C ILE D 54 -29.40 14.94 5.03
N SER D 55 -28.16 14.69 5.43
CA SER D 55 -27.90 13.60 6.37
C SER D 55 -28.60 13.87 7.71
N LEU D 56 -28.53 15.11 8.21
CA LEU D 56 -29.17 15.44 9.48
C LEU D 56 -30.67 15.20 9.42
N LEU D 57 -31.29 15.66 8.34
CA LEU D 57 -32.72 15.52 8.13
C LEU D 57 -33.11 14.06 8.13
N ALA D 58 -32.39 13.24 7.38
CA ALA D 58 -32.71 11.82 7.29
C ALA D 58 -32.49 11.07 8.61
N LEU D 59 -31.37 11.34 9.26
CA LEU D 59 -31.06 10.64 10.50
C LEU D 59 -31.94 11.07 11.68
N LYS D 60 -32.31 12.34 11.73
CA LYS D 60 -33.16 12.81 12.82
C LYS D 60 -34.56 12.25 12.63
N GLY D 61 -35.02 12.20 11.39
CA GLY D 61 -36.33 11.65 11.13
C GLY D 61 -36.32 10.16 11.48
N LEU D 62 -35.24 9.48 11.15
CA LEU D 62 -35.13 8.05 11.43
C LEU D 62 -35.10 7.82 12.93
N VAL D 63 -34.25 8.55 13.65
CA VAL D 63 -34.16 8.42 15.10
C VAL D 63 -35.53 8.66 15.70
N ALA D 64 -36.26 9.64 15.16
CA ALA D 64 -37.59 9.95 15.65
C ALA D 64 -38.52 8.76 15.40
N ALA D 65 -38.65 8.37 14.13
CA ALA D 65 -39.50 7.25 13.74
C ALA D 65 -39.22 6.01 14.60
N GLY D 66 -37.97 5.86 14.99
CA GLY D 66 -37.59 4.73 15.82
C GLY D 66 -38.05 4.83 17.26
N GLU D 67 -37.55 5.85 17.96
CA GLU D 67 -37.88 6.06 19.37
C GLU D 67 -39.32 5.77 19.75
N LYS D 68 -40.28 6.09 18.89
CA LYS D 68 -41.68 5.82 19.21
C LYS D 68 -41.85 4.37 19.66
N ALA D 69 -41.00 3.49 19.14
CA ALA D 69 -41.06 2.07 19.48
C ALA D 69 -40.37 1.77 20.80
N LEU D 70 -39.19 2.36 20.98
CA LEU D 70 -38.39 2.17 22.19
C LEU D 70 -39.19 2.15 23.49
N GLU D 71 -40.38 2.73 23.44
CA GLU D 71 -41.23 2.80 24.61
C GLU D 71 -42.14 1.59 24.81
N VAL D 72 -42.76 1.12 23.72
CA VAL D 72 -43.67 -0.03 23.77
C VAL D 72 -43.27 -1.01 24.88
N ALA D 73 -44.22 -1.31 25.76
CA ALA D 73 -43.99 -2.21 26.89
C ALA D 73 -43.44 -3.58 26.51
N ASP D 74 -44.18 -4.30 25.69
CA ASP D 74 -43.76 -5.63 25.25
C ASP D 74 -42.51 -5.53 24.36
N PRO D 75 -41.37 -6.02 24.83
CA PRO D 75 -40.11 -6.00 24.07
C PRO D 75 -40.21 -6.59 22.66
N LYS D 76 -41.02 -7.63 22.50
CA LYS D 76 -41.19 -8.24 21.19
C LYS D 76 -41.85 -7.27 20.25
N GLU D 77 -42.90 -6.62 20.74
CA GLU D 77 -43.66 -5.67 19.94
C GLU D 77 -42.86 -4.40 19.70
N ALA D 78 -41.98 -4.07 20.64
CA ALA D 78 -41.14 -2.89 20.55
C ALA D 78 -40.12 -3.11 19.43
N LEU D 79 -39.55 -4.30 19.36
CA LEU D 79 -38.58 -4.62 18.33
C LEU D 79 -39.20 -4.57 16.94
N ARG D 80 -40.42 -5.07 16.81
CA ARG D 80 -41.11 -5.07 15.52
C ARG D 80 -41.46 -3.66 15.02
N ARG D 81 -41.90 -2.80 15.93
CA ARG D 81 -42.26 -1.45 15.54
C ARG D 81 -41.02 -0.67 15.13
N PHE D 82 -39.93 -0.89 15.84
CA PHE D 82 -38.68 -0.24 15.52
C PHE D 82 -38.25 -0.64 14.11
N MSE D 83 -38.29 -1.94 13.82
CA MSE D 83 -37.91 -2.46 12.52
C MSE D 83 -38.80 -1.99 11.39
O MSE D 83 -38.32 -1.66 10.29
CB MSE D 83 -37.86 -3.99 12.58
CG MSE D 83 -36.67 -4.52 13.38
SE MSE D 83 -36.59 -6.46 13.56
CE MSE D 83 -36.09 -6.92 11.72
N GLU D 84 -40.11 -1.96 11.63
CA GLU D 84 -41.03 -1.50 10.61
C GLU D 84 -40.99 0.01 10.41
N ALA D 85 -40.79 0.78 11.47
CA ALA D 85 -40.70 2.23 11.36
C ALA D 85 -39.44 2.57 10.56
N HIS D 86 -38.36 1.83 10.81
CA HIS D 86 -37.11 2.06 10.11
C HIS D 86 -37.26 1.82 8.61
N ALA D 87 -37.79 0.66 8.26
CA ALA D 87 -37.97 0.30 6.86
C ALA D 87 -38.90 1.26 6.13
N ARG D 88 -39.95 1.67 6.83
CA ARG D 88 -40.93 2.61 6.30
C ARG D 88 -40.28 3.96 6.05
N TYR D 89 -39.57 4.46 7.05
CA TYR D 89 -38.91 5.75 6.90
C TYR D 89 -37.96 5.67 5.72
N PHE D 90 -37.20 4.59 5.66
CA PHE D 90 -36.23 4.39 4.58
C PHE D 90 -36.88 4.42 3.20
N GLU D 91 -37.99 3.70 3.05
CA GLU D 91 -38.65 3.68 1.75
C GLU D 91 -39.29 5.02 1.36
N GLU D 92 -39.81 5.75 2.35
CA GLU D 92 -40.45 7.04 2.09
C GLU D 92 -39.44 8.16 1.79
N ASN D 93 -38.20 7.97 2.23
CA ASN D 93 -37.14 8.96 2.03
C ASN D 93 -35.95 8.32 1.34
N TYR D 94 -36.25 7.40 0.44
CA TYR D 94 -35.25 6.64 -0.28
C TYR D 94 -34.07 7.48 -0.79
N PRO D 95 -34.33 8.58 -1.51
CA PRO D 95 -33.26 9.43 -2.03
C PRO D 95 -32.27 9.93 -0.97
N PHE D 96 -32.77 10.26 0.22
CA PHE D 96 -31.92 10.73 1.29
C PHE D 96 -30.93 9.66 1.75
N PHE D 97 -31.39 8.42 1.79
CA PHE D 97 -30.54 7.31 2.22
C PHE D 97 -29.51 6.94 1.18
N VAL D 98 -29.88 7.00 -0.09
CA VAL D 98 -28.93 6.69 -1.15
C VAL D 98 -27.84 7.77 -1.14
N THR D 99 -28.22 9.00 -0.83
CA THR D 99 -27.26 10.10 -0.79
C THR D 99 -26.26 9.87 0.34
N MSE D 100 -26.75 9.35 1.47
CA MSE D 100 -25.92 9.10 2.64
C MSE D 100 -24.83 8.04 2.48
O MSE D 100 -23.72 8.22 2.98
CB MSE D 100 -26.79 8.72 3.82
CG MSE D 100 -27.31 9.91 4.56
SE MSE D 100 -28.18 9.34 6.15
CE MSE D 100 -26.65 8.58 7.05
N LEU D 101 -25.14 6.94 1.81
CA LEU D 101 -24.14 5.90 1.61
C LEU D 101 -23.15 6.29 0.53
N GLN D 102 -23.04 7.58 0.24
CA GLN D 102 -22.14 8.04 -0.81
C GLN D 102 -21.01 8.95 -0.41
N GLY D 103 -21.34 10.14 0.07
CA GLY D 103 -20.29 11.09 0.41
C GLY D 103 -20.03 11.54 1.83
N ILE D 104 -20.46 10.78 2.84
CA ILE D 104 -20.20 11.19 4.22
C ILE D 104 -18.72 11.55 4.33
N LYS D 105 -17.93 10.92 3.47
CA LYS D 105 -16.48 11.13 3.40
C LYS D 105 -16.12 12.61 3.24
N SER D 106 -16.99 13.38 2.57
CA SER D 106 -16.73 14.79 2.34
C SER D 106 -17.16 15.76 3.43
N LEU D 107 -17.84 15.25 4.46
CA LEU D 107 -18.28 16.12 5.53
C LEU D 107 -17.11 16.60 6.38
N SER D 108 -17.29 17.74 7.04
CA SER D 108 -16.25 18.26 7.92
C SER D 108 -16.18 17.22 9.05
N PRO D 109 -14.97 16.99 9.62
CA PRO D 109 -14.88 16.00 10.68
C PRO D 109 -15.99 16.17 11.73
N GLU D 110 -16.29 17.43 12.05
CA GLU D 110 -17.33 17.72 13.04
C GLU D 110 -18.72 17.30 12.54
N ASN D 111 -18.97 17.48 11.23
CA ASN D 111 -20.26 17.09 10.66
C ASN D 111 -20.39 15.57 10.60
N ARG D 112 -19.29 14.88 10.29
CA ARG D 112 -19.32 13.43 10.27
C ARG D 112 -19.62 12.97 11.69
N LEU D 113 -18.94 13.59 12.65
CA LEU D 113 -19.13 13.23 14.06
C LEU D 113 -20.59 13.44 14.52
N LYS D 114 -21.20 14.56 14.15
CA LYS D 114 -22.59 14.80 14.53
C LYS D 114 -23.49 13.78 13.84
N THR D 115 -23.23 13.54 12.56
CA THR D 115 -23.98 12.57 11.79
C THR D 115 -23.88 11.19 12.45
N ILE D 116 -22.66 10.81 12.80
CA ILE D 116 -22.42 9.52 13.44
C ILE D 116 -23.12 9.43 14.79
N ALA D 117 -23.24 10.56 15.48
CA ALA D 117 -23.91 10.56 16.78
C ALA D 117 -25.39 10.22 16.65
N LEU D 118 -26.03 10.73 15.61
CA LEU D 118 -27.44 10.46 15.39
C LEU D 118 -27.63 8.98 15.05
N ARG D 119 -26.68 8.42 14.31
CA ARG D 119 -26.73 7.03 13.94
C ARG D 119 -26.64 6.20 15.22
N ASP D 120 -25.64 6.50 16.05
CA ASP D 120 -25.43 5.79 17.31
C ASP D 120 -26.67 5.86 18.20
N ARG D 121 -27.38 6.99 18.18
CA ARG D 121 -28.58 7.13 18.99
C ARG D 121 -29.66 6.18 18.49
N HIS D 122 -29.77 6.06 17.16
CA HIS D 122 -30.75 5.16 16.57
C HIS D 122 -30.43 3.74 17.00
N GLU D 123 -29.13 3.40 17.02
CA GLU D 123 -28.70 2.06 17.39
C GLU D 123 -28.81 1.77 18.88
N GLU D 124 -28.35 2.70 19.71
CA GLU D 124 -28.40 2.54 21.16
C GLU D 124 -29.84 2.28 21.58
N ASN D 125 -30.76 2.95 20.90
CA ASN D 125 -32.17 2.76 21.20
C ASN D 125 -32.56 1.31 20.93
N LEU D 126 -32.07 0.75 19.83
CA LEU D 126 -32.38 -0.63 19.50
C LEU D 126 -31.77 -1.50 20.58
N ARG D 127 -30.50 -1.23 20.91
CA ARG D 127 -29.81 -1.98 21.93
C ARG D 127 -30.59 -1.95 23.25
N ALA D 128 -31.18 -0.79 23.56
CA ALA D 128 -31.94 -0.67 24.80
C ALA D 128 -33.10 -1.64 24.76
N ILE D 129 -33.78 -1.70 23.62
CA ILE D 129 -34.92 -2.62 23.50
C ILE D 129 -34.46 -4.08 23.69
N LEU D 130 -33.35 -4.45 23.04
CA LEU D 130 -32.82 -5.80 23.15
C LEU D 130 -32.32 -6.08 24.57
N ARG D 131 -31.61 -5.11 25.13
CA ARG D 131 -31.08 -5.20 26.50
C ARG D 131 -32.28 -5.41 27.43
N ARG D 132 -33.26 -4.53 27.31
CA ARG D 132 -34.47 -4.63 28.12
C ARG D 132 -35.02 -6.05 28.08
N GLY D 133 -35.22 -6.56 26.87
CA GLY D 133 -35.75 -7.91 26.70
C GLY D 133 -34.93 -9.00 27.37
N VAL D 134 -33.60 -8.81 27.40
CA VAL D 134 -32.70 -9.78 28.02
C VAL D 134 -32.75 -9.68 29.54
N GLU D 135 -32.92 -8.46 30.05
CA GLU D 135 -33.00 -8.24 31.49
C GLU D 135 -34.34 -8.70 32.03
N GLN D 136 -35.32 -8.85 31.15
CA GLN D 136 -36.66 -9.28 31.54
C GLN D 136 -36.90 -10.75 31.19
N GLY D 137 -35.85 -11.42 30.73
CA GLY D 137 -35.97 -12.82 30.38
C GLY D 137 -36.89 -13.14 29.22
N VAL D 138 -37.29 -12.12 28.45
CA VAL D 138 -38.17 -12.34 27.29
C VAL D 138 -37.32 -12.83 26.11
N PHE D 139 -36.08 -12.37 26.08
CA PHE D 139 -35.15 -12.79 25.03
C PHE D 139 -34.06 -13.57 25.75
N ARG D 140 -33.45 -14.53 25.07
CA ARG D 140 -32.40 -15.30 25.70
C ARG D 140 -31.14 -14.44 25.80
N GLU D 141 -30.12 -14.94 26.49
CA GLU D 141 -28.88 -14.20 26.68
C GLU D 141 -28.12 -14.12 25.35
N VAL D 142 -28.08 -12.93 24.78
CA VAL D 142 -27.38 -12.74 23.52
C VAL D 142 -26.57 -11.45 23.59
N ASP D 143 -25.49 -11.40 22.83
CA ASP D 143 -24.65 -10.21 22.80
C ASP D 143 -25.53 -9.10 22.23
N VAL D 144 -25.91 -8.16 23.08
CA VAL D 144 -26.77 -7.04 22.70
C VAL D 144 -26.24 -6.18 21.54
N ALA D 145 -24.93 -5.92 21.53
CA ALA D 145 -24.34 -5.09 20.49
C ALA D 145 -24.42 -5.80 19.14
N LEU D 146 -24.07 -7.08 19.10
CA LEU D 146 -24.10 -7.85 17.88
C LEU D 146 -25.52 -8.11 17.37
N ALA D 147 -26.46 -8.31 18.28
CA ALA D 147 -27.84 -8.56 17.91
C ALA D 147 -28.42 -7.29 17.27
N GLY D 148 -27.93 -6.15 17.73
CA GLY D 148 -28.39 -4.88 17.22
C GLY D 148 -27.90 -4.67 15.80
N ARG D 149 -26.61 -4.92 15.61
CA ARG D 149 -25.99 -4.78 14.31
C ARG D 149 -26.60 -5.82 13.33
N ALA D 150 -26.99 -6.99 13.85
CA ALA D 150 -27.58 -8.01 12.96
C ALA D 150 -28.87 -7.44 12.39
N VAL D 151 -29.66 -6.81 13.26
CA VAL D 151 -30.91 -6.21 12.89
C VAL D 151 -30.69 -5.01 11.96
N LEU D 152 -29.76 -4.15 12.32
CA LEU D 152 -29.45 -2.98 11.50
C LEU D 152 -28.91 -3.41 10.15
N SER D 153 -28.17 -4.50 10.12
CA SER D 153 -27.62 -5.02 8.87
C SER D 153 -28.76 -5.42 7.93
N MSE D 154 -29.72 -6.19 8.44
CA MSE D 154 -30.84 -6.62 7.62
C MSE D 154 -31.65 -5.42 7.13
O MSE D 154 -32.22 -5.46 6.05
CB MSE D 154 -31.78 -7.52 8.42
CG MSE D 154 -31.16 -8.82 8.92
SE MSE D 154 -32.45 -9.83 10.00
CE MSE D 154 -32.82 -8.51 11.33
N LEU D 155 -31.68 -4.37 7.93
CA LEU D 155 -32.43 -3.17 7.53
C LEU D 155 -31.63 -2.30 6.55
N ASN D 156 -30.41 -1.99 6.92
CA ASN D 156 -29.59 -1.13 6.09
C ASN D 156 -29.02 -1.72 4.82
N TRP D 157 -28.94 -3.04 4.71
CA TRP D 157 -28.42 -3.62 3.48
C TRP D 157 -29.55 -3.60 2.48
N MSE D 158 -30.76 -3.33 2.95
CA MSE D 158 -31.94 -3.25 2.10
C MSE D 158 -31.73 -2.20 1.02
O MSE D 158 -32.39 -2.23 -0.02
CB MSE D 158 -33.18 -2.87 2.92
CG MSE D 158 -34.07 -4.04 3.34
SE MSE D 158 -35.77 -3.46 4.08
CE MSE D 158 -36.78 -3.35 2.45
N ILE D 159 -30.83 -1.26 1.27
CA ILE D 159 -30.54 -0.19 0.31
C ILE D 159 -29.78 -0.72 -0.91
N ARG D 160 -28.96 -1.75 -0.69
CA ARG D 160 -28.19 -2.35 -1.77
C ARG D 160 -28.98 -3.33 -2.63
N TRP D 161 -30.26 -3.52 -2.35
CA TRP D 161 -31.04 -4.45 -3.16
C TRP D 161 -32.52 -4.10 -3.35
N PHE D 162 -33.15 -3.52 -2.33
CA PHE D 162 -34.56 -3.15 -2.41
C PHE D 162 -34.82 -2.14 -3.52
N ARG D 163 -35.95 -2.29 -4.19
CA ARG D 163 -36.32 -1.39 -5.28
C ARG D 163 -37.72 -0.81 -5.04
N PRO D 164 -37.84 0.52 -5.03
CA PRO D 164 -39.13 1.20 -4.82
C PRO D 164 -40.11 0.93 -5.96
N MSE D 168 -43.19 -5.71 -3.25
CA MSE D 168 -43.28 -5.84 -1.78
C MSE D 168 -42.92 -4.51 -1.10
O MSE D 168 -42.00 -3.82 -1.52
CB MSE D 168 -42.33 -6.94 -1.30
CG MSE D 168 -42.61 -7.44 0.10
SE MSE D 168 -41.64 -9.05 0.51
CE MSE D 168 -42.83 -10.33 -0.31
N ARG D 169 -43.65 -4.18 -0.05
CA ARG D 169 -43.39 -2.95 0.68
C ARG D 169 -42.23 -3.16 1.65
N ALA D 170 -41.51 -2.08 1.94
CA ALA D 170 -40.36 -2.17 2.83
C ALA D 170 -40.74 -2.71 4.21
N GLU D 171 -41.79 -2.18 4.81
CA GLU D 171 -42.19 -2.65 6.13
C GLU D 171 -42.64 -4.11 6.15
N GLU D 172 -43.18 -4.59 5.03
CA GLU D 172 -43.62 -5.98 4.97
C GLU D 172 -42.42 -6.90 5.06
N VAL D 173 -41.34 -6.52 4.39
CA VAL D 173 -40.11 -7.29 4.40
C VAL D 173 -39.49 -7.25 5.79
N ALA D 174 -39.65 -6.11 6.47
CA ALA D 174 -39.11 -5.93 7.81
C ALA D 174 -39.93 -6.72 8.81
N ARG D 175 -41.16 -7.03 8.43
CA ARG D 175 -42.06 -7.81 9.27
C ARG D 175 -41.59 -9.26 9.20
N ALA D 176 -41.24 -9.69 8.00
CA ALA D 176 -40.75 -11.04 7.79
C ALA D 176 -39.38 -11.22 8.45
N TYR D 177 -38.59 -10.15 8.50
CA TYR D 177 -37.27 -10.23 9.13
C TYR D 177 -37.43 -10.35 10.63
N HIS D 178 -38.41 -9.63 11.18
CA HIS D 178 -38.68 -9.67 12.62
C HIS D 178 -39.11 -11.07 13.04
N ASP D 179 -39.98 -11.69 12.25
CA ASP D 179 -40.44 -13.04 12.56
C ASP D 179 -39.22 -13.95 12.56
N LEU D 180 -38.40 -13.81 11.52
CA LEU D 180 -37.20 -14.62 11.39
C LEU D 180 -36.20 -14.44 12.53
N ILE D 181 -35.93 -13.19 12.91
CA ILE D 181 -34.97 -12.95 13.99
C ILE D 181 -35.50 -13.29 15.36
N LEU D 182 -36.81 -13.14 15.54
CA LEU D 182 -37.43 -13.45 16.83
C LEU D 182 -37.50 -14.95 17.10
N ARG D 183 -38.03 -15.69 16.14
CA ARG D 183 -38.20 -17.13 16.29
C ARG D 183 -37.02 -17.97 15.81
N GLY D 184 -36.27 -17.46 14.84
CA GLY D 184 -35.13 -18.19 14.32
C GLY D 184 -35.53 -19.17 13.25
N LEU D 185 -34.55 -19.85 12.66
CA LEU D 185 -34.83 -20.82 11.62
C LEU D 185 -35.22 -22.20 12.15
N GLU D 186 -34.62 -22.59 13.28
CA GLU D 186 -34.89 -23.92 13.85
C GLU D 186 -36.37 -24.18 14.05
N ARG D 187 -36.78 -25.39 13.70
CA ARG D 187 -38.17 -25.79 13.88
C ARG D 187 -38.30 -26.28 15.32
N GLY D 188 -39.34 -25.81 16.01
CA GLY D 188 -39.55 -26.22 17.38
C GLY D 188 -39.95 -27.68 17.43
#